data_8DOR
#
_entry.id   8DOR
#
_cell.length_a   56.826
_cell.length_b   56.826
_cell.length_c   257.568
_cell.angle_alpha   90.000
_cell.angle_beta   90.000
_cell.angle_gamma   120.000
#
_symmetry.space_group_name_H-M   'P 31'
#
loop_
_entity.id
_entity.type
_entity.pdbx_description
1 polymer 'Dihydropteridine reductase/oxygen-insensitive NAD(P)H nitroreductase'
2 non-polymer 'FLAVIN MONONUCLEOTIDE'
3 non-polymer 'PHOSPHATE ION'
4 non-polymer GLYCEROL
5 water water
#
_entity_poly.entity_id   1
_entity_poly.type   'polypeptide(L)'
_entity_poly.pdbx_seq_one_letter_code
;MAHHHHHHMDIVSVALKRYSTKAFDATKKLTAGEAEQLKTLLQYSPSSTNSQPWHFIVASTDEGKARVAKAASGTYVFNE
RKILDASHVVVFCAKTAMDDAWLQRVVDQEEADGRFATPDAKAANHKGRTFFADMHRKELKDDDQWMAKQVYLNVGNFLL
GVAAMGLDAVPIEGVDFAILDEEFDLKAQGYTSLVVVPVGHHSAEDFNATLPKSRLPQSTTITEI
;
_entity_poly.pdbx_strand_id   A,B,C,D
#
loop_
_chem_comp.id
_chem_comp.type
_chem_comp.name
_chem_comp.formula
FMN non-polymer 'FLAVIN MONONUCLEOTIDE' 'C17 H21 N4 O9 P'
GOL non-polymer GLYCEROL 'C3 H8 O3'
PO4 non-polymer 'PHOSPHATE ION' 'O4 P -3'
#
# COMPACT_ATOMS: atom_id res chain seq x y z
N MET A 9 2.22 -0.94 -23.82
CA MET A 9 2.94 -0.11 -22.82
C MET A 9 2.17 -0.14 -21.49
N ASP A 10 2.86 -0.36 -20.37
CA ASP A 10 2.18 -0.43 -19.06
C ASP A 10 2.02 0.99 -18.49
N ILE A 11 1.07 1.74 -19.06
CA ILE A 11 0.90 3.12 -18.63
C ILE A 11 0.32 3.21 -17.23
N VAL A 12 -0.48 2.22 -16.81
CA VAL A 12 -1.01 2.23 -15.46
C VAL A 12 0.11 2.13 -14.43
N SER A 13 1.10 1.26 -14.69
N SER A 13 1.10 1.26 -14.69
N SER A 13 1.10 1.26 -14.70
CA SER A 13 2.25 1.18 -13.79
CA SER A 13 2.25 1.18 -13.79
CA SER A 13 2.26 1.16 -13.81
C SER A 13 2.99 2.51 -13.74
C SER A 13 2.99 2.51 -13.74
C SER A 13 2.96 2.53 -13.74
N VAL A 14 3.08 3.20 -14.89
CA VAL A 14 3.68 4.54 -14.90
C VAL A 14 2.87 5.49 -14.02
N ALA A 15 1.54 5.44 -14.15
CA ALA A 15 0.68 6.32 -13.38
C ALA A 15 0.79 6.06 -11.88
N LEU A 16 1.00 4.80 -11.50
CA LEU A 16 1.09 4.45 -10.09
C LEU A 16 2.48 4.68 -9.51
N LYS A 17 3.51 4.76 -10.36
CA LYS A 17 4.87 5.01 -9.89
C LYS A 17 5.22 6.50 -9.84
N ARG A 18 4.71 7.28 -10.79
CA ARG A 18 5.02 8.71 -10.80
C ARG A 18 4.50 9.36 -9.50
N TYR A 19 5.11 10.46 -9.11
CA TYR A 19 4.75 11.12 -7.88
C TYR A 19 5.27 12.54 -7.95
N SER A 20 4.80 13.38 -7.03
CA SER A 20 5.24 14.76 -6.98
C SER A 20 6.60 14.85 -6.29
N THR A 21 7.64 15.04 -7.09
CA THR A 21 9.00 15.06 -6.58
C THR A 21 9.19 16.19 -5.56
N LYS A 22 9.82 15.87 -4.44
CA LYS A 22 10.05 16.86 -3.41
C LYS A 22 11.49 17.37 -3.37
N ALA A 23 12.43 16.63 -3.95
CA ALA A 23 13.80 17.13 -4.06
C ALA A 23 14.44 16.50 -5.29
N PHE A 24 15.11 17.33 -6.08
CA PHE A 24 15.79 16.90 -7.29
C PHE A 24 17.29 16.81 -7.05
N ASP A 25 17.90 15.84 -7.73
CA ASP A 25 19.35 15.72 -7.75
C ASP A 25 19.89 16.74 -8.74
N ALA A 26 20.57 17.77 -8.22
CA ALA A 26 21.04 18.88 -9.03
C ALA A 26 22.15 18.51 -10.00
N THR A 27 22.73 17.31 -9.89
CA THR A 27 23.78 16.90 -10.82
C THR A 27 23.25 16.09 -11.98
N LYS A 28 21.99 15.68 -11.96
CA LYS A 28 21.44 14.82 -12.99
C LYS A 28 20.68 15.67 -14.00
N LYS A 29 21.16 15.68 -15.23
CA LYS A 29 20.57 16.48 -16.29
C LYS A 29 19.91 15.57 -17.32
N LEU A 30 18.89 16.09 -17.99
CA LEU A 30 18.33 15.39 -19.14
C LEU A 30 19.38 15.24 -20.22
N THR A 31 19.29 14.15 -20.97
CA THR A 31 20.09 14.04 -22.18
C THR A 31 19.55 15.00 -23.24
N ALA A 32 20.36 15.24 -24.27
CA ALA A 32 19.89 16.07 -25.37
C ALA A 32 18.62 15.49 -26.01
N GLY A 33 18.57 14.16 -26.16
CA GLY A 33 17.38 13.55 -26.73
C GLY A 33 16.16 13.71 -25.84
N GLU A 34 16.34 13.58 -24.52
CA GLU A 34 15.23 13.77 -23.60
C GLU A 34 14.71 15.20 -23.65
N ALA A 35 15.62 16.18 -23.76
CA ALA A 35 15.19 17.57 -23.83
C ALA A 35 14.35 17.82 -25.08
N GLU A 36 14.72 17.20 -26.20
CA GLU A 36 13.91 17.33 -27.41
C GLU A 36 12.54 16.68 -27.22
N GLN A 37 12.50 15.50 -26.59
CA GLN A 37 11.23 14.83 -26.37
C GLN A 37 10.33 15.64 -25.46
N LEU A 38 10.91 16.29 -24.46
CA LEU A 38 10.15 17.17 -23.57
C LEU A 38 9.43 18.25 -24.38
N LYS A 39 10.15 18.90 -25.29
CA LYS A 39 9.54 19.95 -26.09
C LYS A 39 8.49 19.40 -27.05
N THR A 40 8.73 18.20 -27.60
CA THR A 40 7.72 17.56 -28.44
C THR A 40 6.43 17.32 -27.66
N LEU A 41 6.54 16.88 -26.41
CA LEU A 41 5.35 16.65 -25.61
C LEU A 41 4.56 17.94 -25.38
N LEU A 42 5.26 19.05 -25.10
CA LEU A 42 4.58 20.33 -24.94
C LEU A 42 3.85 20.71 -26.23
N GLN A 43 4.54 20.54 -27.36
CA GLN A 43 4.02 20.99 -28.64
C GLN A 43 2.78 20.19 -29.06
N TYR A 44 2.79 18.88 -28.83
CA TYR A 44 1.82 17.98 -29.46
C TYR A 44 0.63 17.62 -28.56
N SER A 45 0.52 18.24 -27.39
CA SER A 45 -0.69 18.09 -26.59
C SER A 45 -1.91 18.48 -27.41
N PRO A 46 -3.05 17.81 -27.22
CA PRO A 46 -4.29 18.30 -27.84
C PRO A 46 -4.81 19.51 -27.07
N SER A 47 -5.82 20.15 -27.66
CA SER A 47 -6.48 21.31 -27.09
C SER A 47 -7.80 21.51 -27.83
N SER A 48 -8.74 22.21 -27.20
CA SER A 48 -10.02 22.47 -27.82
C SER A 48 -9.84 23.18 -29.15
N THR A 49 -10.41 22.61 -30.22
CA THR A 49 -10.28 23.11 -31.59
C THR A 49 -8.84 23.19 -32.08
N ASN A 50 -7.90 22.51 -31.41
CA ASN A 50 -6.48 22.65 -31.74
C ASN A 50 -6.03 24.11 -31.60
N SER A 51 -6.67 24.83 -30.69
CA SER A 51 -6.40 26.26 -30.52
C SER A 51 -5.02 26.55 -29.96
N GLN A 52 -4.39 25.58 -29.26
CA GLN A 52 -3.02 25.69 -28.78
C GLN A 52 -2.74 27.05 -28.14
N PRO A 53 -3.53 27.47 -27.16
CA PRO A 53 -3.50 28.88 -26.73
C PRO A 53 -2.44 29.12 -25.67
N TRP A 54 -1.18 28.81 -26.01
CA TRP A 54 -0.21 28.62 -24.96
C TRP A 54 1.19 29.06 -25.39
N HIS A 55 2.02 29.32 -24.39
CA HIS A 55 3.45 29.51 -24.56
C HIS A 55 4.15 28.81 -23.41
N PHE A 56 5.37 28.34 -23.66
CA PHE A 56 6.15 27.64 -22.67
C PHE A 56 7.52 28.29 -22.56
N ILE A 57 7.95 28.58 -21.34
CA ILE A 57 9.33 28.94 -21.05
C ILE A 57 10.01 27.69 -20.53
N VAL A 58 11.07 27.26 -21.19
CA VAL A 58 11.81 26.07 -20.77
C VAL A 58 13.18 26.54 -20.30
N ALA A 59 13.39 26.53 -18.99
CA ALA A 59 14.61 27.04 -18.37
C ALA A 59 15.53 25.86 -18.06
N SER A 60 16.75 25.90 -18.59
CA SER A 60 17.73 24.87 -18.29
C SER A 60 19.08 25.43 -17.86
N THR A 61 19.31 26.73 -17.99
CA THR A 61 20.52 27.34 -17.45
C THR A 61 20.27 27.74 -15.99
N ASP A 62 21.36 27.94 -15.25
CA ASP A 62 21.22 28.34 -13.83
C ASP A 62 20.51 29.70 -13.73
N GLU A 63 20.88 30.63 -14.61
N GLU A 63 20.88 30.63 -14.61
CA GLU A 63 20.27 31.98 -14.56
CA GLU A 63 20.27 31.98 -14.56
C GLU A 63 18.78 31.90 -14.91
C GLU A 63 18.78 31.88 -14.89
N GLY A 64 18.44 31.10 -15.91
CA GLY A 64 17.01 30.93 -16.30
C GLY A 64 16.18 30.36 -15.18
N LYS A 65 16.72 29.33 -14.53
CA LYS A 65 16.00 28.73 -13.40
C LYS A 65 15.91 29.72 -12.23
N ALA A 66 16.96 30.48 -12.01
CA ALA A 66 16.95 31.50 -10.93
C ALA A 66 15.89 32.57 -11.23
N ARG A 67 15.70 32.92 -12.51
CA ARG A 67 14.65 33.88 -12.83
C ARG A 67 13.28 33.33 -12.48
N VAL A 68 13.02 32.06 -12.79
CA VAL A 68 11.77 31.42 -12.38
C VAL A 68 11.67 31.38 -10.86
N ALA A 69 12.78 31.04 -10.19
CA ALA A 69 12.77 30.86 -8.75
C ALA A 69 12.51 32.15 -7.99
N LYS A 70 12.73 33.32 -8.61
CA LYS A 70 12.37 34.59 -7.97
C LYS A 70 10.92 34.60 -7.56
N ALA A 71 10.06 33.90 -8.30
CA ALA A 71 8.64 33.87 -7.98
C ALA A 71 8.32 33.00 -6.77
N ALA A 72 9.28 32.19 -6.31
CA ALA A 72 9.09 31.30 -5.18
C ALA A 72 9.76 31.80 -3.91
N SER A 73 10.10 33.07 -3.84
CA SER A 73 10.70 33.57 -2.62
C SER A 73 9.62 33.80 -1.55
N GLY A 74 10.07 33.89 -0.30
CA GLY A 74 9.17 34.18 0.80
C GLY A 74 8.15 33.11 1.13
N THR A 75 6.88 33.40 0.81
CA THR A 75 5.80 32.48 1.14
C THR A 75 6.01 31.11 0.50
N TYR A 76 6.57 31.09 -0.72
CA TYR A 76 6.67 29.86 -1.50
C TYR A 76 8.08 29.29 -1.51
N VAL A 77 8.85 29.57 -0.47
CA VAL A 77 10.26 29.19 -0.45
C VAL A 77 10.44 27.68 -0.50
N PHE A 78 9.42 26.93 -0.05
CA PHE A 78 9.52 25.48 -0.07
C PHE A 78 9.52 24.91 -1.48
N ASN A 79 9.13 25.71 -2.47
CA ASN A 79 9.17 25.30 -3.87
C ASN A 79 10.38 25.84 -4.60
N GLU A 80 11.12 26.76 -4.00
CA GLU A 80 12.22 27.41 -4.69
C GLU A 80 13.34 26.42 -5.02
N ARG A 81 13.69 25.54 -4.07
CA ARG A 81 14.77 24.60 -4.31
C ARG A 81 14.45 23.64 -5.45
N LYS A 82 13.19 23.21 -5.57
CA LYS A 82 12.81 22.31 -6.65
C LYS A 82 13.09 22.96 -8.00
N ILE A 83 12.76 24.24 -8.12
CA ILE A 83 12.97 24.97 -9.37
C ILE A 83 14.47 25.10 -9.66
N LEU A 84 15.26 25.40 -8.63
CA LEU A 84 16.70 25.59 -8.83
C LEU A 84 17.41 24.27 -9.13
N ASP A 85 16.95 23.16 -8.57
CA ASP A 85 17.71 21.91 -8.61
C ASP A 85 17.35 21.02 -9.80
N ALA A 86 16.17 21.18 -10.38
CA ALA A 86 15.78 20.33 -11.49
C ALA A 86 16.63 20.64 -12.72
N SER A 87 16.64 19.70 -13.67
CA SER A 87 17.40 19.87 -14.90
C SER A 87 16.75 20.91 -15.80
N HIS A 88 15.45 20.79 -16.03
CA HIS A 88 14.68 21.63 -16.93
C HIS A 88 13.40 22.04 -16.23
N VAL A 89 13.05 23.31 -16.30
CA VAL A 89 11.87 23.84 -15.61
C VAL A 89 10.97 24.47 -16.66
N VAL A 90 9.73 23.99 -16.76
CA VAL A 90 8.77 24.50 -17.73
C VAL A 90 7.79 25.44 -17.04
N VAL A 91 7.68 26.67 -17.55
CA VAL A 91 6.62 27.57 -17.15
C VAL A 91 5.52 27.50 -18.21
N PHE A 92 4.36 26.99 -17.81
CA PHE A 92 3.22 26.87 -18.70
C PHE A 92 2.43 28.17 -18.64
N CYS A 93 2.19 28.77 -19.82
CA CYS A 93 1.51 30.05 -19.93
C CYS A 93 0.32 29.93 -20.88
N ALA A 94 -0.76 30.64 -20.55
CA ALA A 94 -1.91 30.76 -21.43
C ALA A 94 -1.93 32.14 -22.06
N LYS A 95 -2.50 32.20 -23.27
CA LYS A 95 -2.85 33.48 -23.84
C LYS A 95 -3.85 34.19 -22.94
N THR A 96 -3.79 35.53 -22.95
CA THR A 96 -4.72 36.34 -22.17
C THR A 96 -6.00 36.68 -22.94
N ALA A 97 -6.00 36.59 -24.27
CA ALA A 97 -7.19 36.82 -25.06
C ALA A 97 -7.07 36.03 -26.35
N MET A 98 -8.19 35.49 -26.85
CA MET A 98 -8.18 34.76 -28.12
C MET A 98 -8.44 35.76 -29.24
N ASP A 99 -7.37 36.24 -29.85
CA ASP A 99 -7.47 37.27 -30.87
C ASP A 99 -7.63 36.67 -32.27
N ASP A 100 -8.09 37.51 -33.19
CA ASP A 100 -8.31 37.08 -34.57
C ASP A 100 -7.03 36.53 -35.19
N ALA A 101 -5.89 37.18 -34.92
CA ALA A 101 -4.64 36.77 -35.56
C ALA A 101 -4.25 35.35 -35.15
N TRP A 102 -4.44 34.99 -33.88
CA TRP A 102 -4.10 33.64 -33.45
C TRP A 102 -4.99 32.61 -34.10
N LEU A 103 -6.29 32.88 -34.18
CA LEU A 103 -7.18 31.96 -34.88
C LEU A 103 -6.72 31.74 -36.32
N GLN A 104 -6.31 32.81 -36.99
CA GLN A 104 -5.80 32.68 -38.34
C GLN A 104 -4.48 31.90 -38.37
N ARG A 105 -3.60 32.13 -37.38
CA ARG A 105 -2.34 31.42 -37.33
C ARG A 105 -2.56 29.91 -37.23
N VAL A 106 -3.48 29.49 -36.35
CA VAL A 106 -3.72 28.06 -36.17
C VAL A 106 -4.22 27.42 -37.45
N VAL A 107 -5.21 28.04 -38.10
CA VAL A 107 -5.78 27.40 -39.29
C VAL A 107 -4.81 27.43 -40.46
N ASP A 108 -4.01 28.50 -40.57
CA ASP A 108 -2.99 28.54 -41.62
C ASP A 108 -1.97 27.43 -41.42
N GLN A 109 -1.62 27.15 -40.17
CA GLN A 109 -0.69 26.05 -39.89
C GLN A 109 -1.29 24.71 -40.27
N GLU A 110 -2.58 24.51 -39.97
CA GLU A 110 -3.25 23.28 -40.41
C GLU A 110 -3.20 23.14 -41.92
N GLU A 111 -3.38 24.23 -42.66
CA GLU A 111 -3.21 24.17 -44.11
C GLU A 111 -1.79 23.80 -44.48
N ALA A 112 -0.80 24.43 -43.83
CA ALA A 112 0.59 24.17 -44.17
C ALA A 112 0.95 22.70 -43.95
N ASP A 113 0.29 22.04 -43.00
CA ASP A 113 0.52 20.64 -42.69
C ASP A 113 -0.30 19.71 -43.56
N GLY A 114 -1.08 20.23 -44.49
CA GLY A 114 -1.80 19.38 -45.43
C GLY A 114 -3.07 18.77 -44.90
N ARG A 115 -3.72 19.42 -43.93
CA ARG A 115 -4.95 18.86 -43.38
C ARG A 115 -6.20 19.18 -44.20
N PHE A 116 -6.12 20.09 -45.17
CA PHE A 116 -7.29 20.53 -45.93
C PHE A 116 -7.12 20.19 -47.40
N ALA A 117 -8.12 19.51 -47.97
CA ALA A 117 -8.07 19.17 -49.38
C ALA A 117 -8.45 20.33 -50.28
N THR A 118 -9.19 21.30 -49.77
CA THR A 118 -9.78 22.35 -50.58
C THR A 118 -9.90 23.61 -49.75
N PRO A 119 -10.04 24.77 -50.40
CA PRO A 119 -10.40 25.99 -49.64
C PRO A 119 -11.66 25.84 -48.81
N ASP A 120 -12.66 25.11 -49.33
CA ASP A 120 -13.89 24.94 -48.58
C ASP A 120 -13.64 24.22 -47.26
N ALA A 121 -12.76 23.22 -47.28
CA ALA A 121 -12.44 22.50 -46.04
C ALA A 121 -11.77 23.41 -45.04
N LYS A 122 -10.83 24.25 -45.50
CA LYS A 122 -10.20 25.19 -44.58
C LYS A 122 -11.22 26.18 -44.02
N ALA A 123 -12.09 26.70 -44.87
CA ALA A 123 -13.10 27.65 -44.43
C ALA A 123 -14.03 27.03 -43.39
N ALA A 124 -14.43 25.77 -43.60
CA ALA A 124 -15.31 25.11 -42.63
C ALA A 124 -14.60 24.95 -41.29
N ASN A 125 -13.32 24.60 -41.31
CA ASN A 125 -12.54 24.47 -40.09
C ASN A 125 -12.41 25.81 -39.37
N HIS A 126 -12.09 26.87 -40.12
CA HIS A 126 -11.96 28.20 -39.56
C HIS A 126 -13.28 28.67 -38.96
N LYS A 127 -14.39 28.43 -39.66
CA LYS A 127 -15.70 28.84 -39.17
C LYS A 127 -16.07 28.10 -37.89
N GLY A 128 -15.80 26.81 -37.83
CA GLY A 128 -16.11 26.05 -36.63
C GLY A 128 -15.29 26.49 -35.44
N ARG A 129 -13.98 26.72 -35.63
CA ARG A 129 -13.17 27.20 -34.53
C ARG A 129 -13.59 28.58 -34.09
N THR A 130 -13.87 29.47 -35.05
CA THR A 130 -14.30 30.82 -34.71
C THR A 130 -15.63 30.81 -33.97
N PHE A 131 -16.52 29.87 -34.29
CA PHE A 131 -17.77 29.73 -33.54
C PHE A 131 -17.50 29.49 -32.06
N PHE A 132 -16.65 28.53 -31.73
CA PHE A 132 -16.32 28.23 -30.32
C PHE A 132 -15.59 29.41 -29.68
N ALA A 133 -14.63 29.98 -30.41
CA ALA A 133 -13.89 31.11 -29.84
C ALA A 133 -14.81 32.27 -29.55
N ASP A 134 -15.75 32.57 -30.46
CA ASP A 134 -16.69 33.66 -30.25
C ASP A 134 -17.60 33.38 -29.07
N MET A 135 -18.02 32.13 -28.90
CA MET A 135 -18.85 31.79 -27.74
CA MET A 135 -18.85 31.81 -27.74
C MET A 135 -18.14 32.19 -26.45
N HIS A 136 -16.82 32.00 -26.40
CA HIS A 136 -16.04 32.34 -25.21
C HIS A 136 -15.69 33.82 -25.15
N ARG A 137 -15.18 34.40 -26.24
CA ARG A 137 -14.68 35.76 -26.17
C ARG A 137 -15.75 36.83 -26.36
N LYS A 138 -16.87 36.49 -26.98
CA LYS A 138 -17.96 37.44 -27.19
C LYS A 138 -19.14 37.20 -26.28
N GLU A 139 -19.63 35.97 -26.20
CA GLU A 139 -20.85 35.69 -25.44
CA GLU A 139 -20.84 35.68 -25.44
C GLU A 139 -20.56 35.53 -23.95
N LEU A 140 -19.74 34.54 -23.59
CA LEU A 140 -19.48 34.24 -22.18
C LEU A 140 -18.45 35.15 -21.54
N LYS A 141 -17.61 35.81 -22.35
CA LYS A 141 -16.51 36.62 -21.82
C LYS A 141 -15.63 35.81 -20.89
N ASP A 142 -15.32 34.57 -21.29
CA ASP A 142 -14.48 33.69 -20.48
C ASP A 142 -13.37 33.04 -21.29
N ASP A 143 -12.95 33.66 -22.40
CA ASP A 143 -11.89 33.06 -23.20
C ASP A 143 -10.61 32.89 -22.40
N ASP A 144 -10.34 33.79 -21.45
CA ASP A 144 -9.16 33.61 -20.61
C ASP A 144 -9.22 32.31 -19.83
N GLN A 145 -10.37 32.01 -19.23
CA GLN A 145 -10.55 30.75 -18.50
C GLN A 145 -10.51 29.56 -19.43
N TRP A 146 -11.16 29.68 -20.60
CA TRP A 146 -11.16 28.60 -21.57
C TRP A 146 -9.74 28.22 -21.99
N MET A 147 -8.91 29.22 -22.25
CA MET A 147 -7.53 28.95 -22.68
C MET A 147 -6.70 28.39 -21.53
N ALA A 148 -6.89 28.92 -20.32
CA ALA A 148 -6.16 28.39 -19.16
C ALA A 148 -6.47 26.91 -18.95
N LYS A 149 -7.73 26.51 -19.17
CA LYS A 149 -8.09 25.11 -19.08
C LYS A 149 -7.31 24.25 -20.08
N GLN A 150 -7.12 24.74 -21.32
CA GLN A 150 -6.35 23.97 -22.29
C GLN A 150 -4.90 23.83 -21.83
N VAL A 151 -4.36 24.86 -21.19
CA VAL A 151 -3.01 24.77 -20.66
C VAL A 151 -2.91 23.69 -19.59
N TYR A 152 -3.91 23.60 -18.71
CA TYR A 152 -3.90 22.56 -17.69
C TYR A 152 -4.01 21.17 -18.31
N LEU A 153 -4.77 21.05 -19.39
CA LEU A 153 -4.81 19.78 -20.09
C LEU A 153 -3.42 19.41 -20.58
N ASN A 154 -2.69 20.40 -21.13
CA ASN A 154 -1.31 20.17 -21.55
C ASN A 154 -0.45 19.73 -20.36
N VAL A 155 -0.59 20.39 -19.20
CA VAL A 155 0.17 19.98 -18.01
C VAL A 155 -0.09 18.51 -17.68
N GLY A 156 -1.35 18.09 -17.70
CA GLY A 156 -1.66 16.71 -17.37
C GLY A 156 -1.04 15.74 -18.36
N ASN A 157 -1.12 16.05 -19.65
CA ASN A 157 -0.43 15.25 -20.67
C ASN A 157 1.07 15.20 -20.38
N PHE A 158 1.65 16.36 -20.05
CA PHE A 158 3.09 16.48 -19.84
C PHE A 158 3.57 15.65 -18.66
N LEU A 159 2.85 15.73 -17.53
CA LEU A 159 3.30 15.01 -16.34
C LEU A 159 3.32 13.51 -16.58
N LEU A 160 2.31 12.98 -17.26
CA LEU A 160 2.33 11.54 -17.54
C LEU A 160 3.39 11.21 -18.58
N GLY A 161 3.56 12.09 -19.57
CA GLY A 161 4.55 11.83 -20.61
C GLY A 161 5.97 11.78 -20.08
N VAL A 162 6.35 12.77 -19.26
CA VAL A 162 7.72 12.73 -18.72
C VAL A 162 7.89 11.54 -17.78
N ALA A 163 6.85 11.17 -17.04
CA ALA A 163 6.93 9.96 -16.22
C ALA A 163 7.20 8.74 -17.07
N ALA A 164 6.51 8.62 -18.21
CA ALA A 164 6.73 7.49 -19.11
C ALA A 164 8.13 7.50 -19.70
N MET A 165 8.78 8.66 -19.78
CA MET A 165 10.17 8.74 -20.20
C MET A 165 11.14 8.33 -19.11
N GLY A 166 10.66 8.09 -17.89
CA GLY A 166 11.55 7.79 -16.78
C GLY A 166 12.06 9.01 -16.06
N LEU A 167 11.42 10.16 -16.25
CA LEU A 167 11.83 11.40 -15.61
C LEU A 167 10.90 11.74 -14.45
N ASP A 168 11.47 12.36 -13.42
CA ASP A 168 10.70 12.88 -12.31
C ASP A 168 10.25 14.31 -12.61
N ALA A 169 9.13 14.69 -12.01
CA ALA A 169 8.60 16.04 -12.19
C ALA A 169 7.71 16.36 -11.00
N VAL A 170 7.35 17.63 -10.90
CA VAL A 170 6.35 18.06 -9.92
C VAL A 170 5.60 19.25 -10.49
N PRO A 171 4.29 19.24 -10.50
CA PRO A 171 3.53 20.44 -10.87
C PRO A 171 3.52 21.40 -9.70
N ILE A 172 3.74 22.68 -9.99
CA ILE A 172 3.84 23.71 -8.94
C ILE A 172 2.88 24.84 -9.23
N GLU A 173 1.92 25.05 -8.33
CA GLU A 173 1.12 26.27 -8.27
C GLU A 173 1.57 27.18 -7.15
N GLY A 174 2.46 26.72 -6.27
CA GLY A 174 2.91 27.50 -5.15
C GLY A 174 4.06 28.40 -5.52
N VAL A 175 3.78 29.37 -6.39
CA VAL A 175 4.67 30.49 -6.65
C VAL A 175 3.80 31.71 -6.88
N ASP A 176 4.43 32.88 -6.86
CA ASP A 176 3.74 34.14 -7.13
C ASP A 176 3.78 34.36 -8.64
N PHE A 177 2.66 34.08 -9.31
CA PHE A 177 2.63 34.20 -10.77
C PHE A 177 2.63 35.64 -11.24
N ALA A 178 2.25 36.59 -10.39
CA ALA A 178 2.41 37.99 -10.77
C ALA A 178 3.87 38.36 -10.90
N ILE A 179 4.71 37.89 -9.97
CA ILE A 179 6.16 38.09 -10.08
C ILE A 179 6.69 37.40 -11.33
N LEU A 180 6.24 36.17 -11.58
CA LEU A 180 6.71 35.44 -12.74
C LEU A 180 6.34 36.17 -14.03
N ASP A 181 5.10 36.67 -14.11
CA ASP A 181 4.68 37.43 -15.29
C ASP A 181 5.55 38.66 -15.49
N GLU A 182 5.86 39.37 -14.40
CA GLU A 182 6.70 40.55 -14.52
CA GLU A 182 6.70 40.55 -14.52
C GLU A 182 8.11 40.19 -14.97
N GLU A 183 8.67 39.12 -14.39
CA GLU A 183 10.05 38.74 -14.68
C GLU A 183 10.25 38.40 -16.15
N PHE A 184 9.26 37.79 -16.77
CA PHE A 184 9.35 37.36 -18.16
C PHE A 184 8.55 38.24 -19.11
N ASP A 185 8.04 39.38 -18.64
CA ASP A 185 7.39 40.36 -19.51
C ASP A 185 6.22 39.72 -20.25
N LEU A 186 5.48 38.86 -19.56
CA LEU A 186 4.50 38.02 -20.25
C LEU A 186 3.26 38.80 -20.67
N LYS A 187 2.77 39.71 -19.80
CA LYS A 187 1.54 40.43 -20.12
C LYS A 187 1.69 41.21 -21.42
N ALA A 188 2.81 41.93 -21.57
CA ALA A 188 3.02 42.71 -22.79
C ALA A 188 3.05 41.82 -24.03
N GLN A 189 3.46 40.55 -23.87
CA GLN A 189 3.52 39.62 -24.98
C GLN A 189 2.22 38.86 -25.19
N GLY A 190 1.21 39.08 -24.35
CA GLY A 190 -0.07 38.44 -24.51
C GLY A 190 -0.25 37.13 -23.76
N TYR A 191 0.54 36.87 -22.72
CA TYR A 191 0.50 35.60 -21.99
C TYR A 191 0.45 35.83 -20.49
N THR A 192 0.07 34.78 -19.77
CA THR A 192 0.12 34.78 -18.33
C THR A 192 0.52 33.39 -17.84
N SER A 193 1.40 33.35 -16.85
CA SER A 193 1.93 32.08 -16.34
C SER A 193 0.95 31.44 -15.37
N LEU A 194 0.86 30.09 -15.41
CA LEU A 194 -0.13 29.35 -14.64
C LEU A 194 0.45 28.22 -13.79
N VAL A 195 1.40 27.47 -14.33
CA VAL A 195 1.97 26.29 -13.64
C VAL A 195 3.46 26.24 -13.95
N VAL A 196 4.25 25.87 -12.95
CA VAL A 196 5.68 25.60 -13.12
C VAL A 196 5.91 24.11 -12.93
N VAL A 197 6.60 23.47 -13.88
CA VAL A 197 6.90 22.05 -13.76
C VAL A 197 8.40 21.83 -13.89
N PRO A 198 9.11 21.66 -12.77
CA PRO A 198 10.50 21.21 -12.83
C PRO A 198 10.57 19.74 -13.20
N VAL A 199 11.57 19.38 -14.01
CA VAL A 199 11.74 18.04 -14.54
C VAL A 199 13.19 17.62 -14.36
N GLY A 200 13.40 16.37 -13.96
CA GLY A 200 14.75 15.86 -13.78
C GLY A 200 14.73 14.48 -13.16
N HIS A 201 15.56 14.28 -12.14
CA HIS A 201 15.64 13.02 -11.41
C HIS A 201 15.65 13.34 -9.92
N HIS A 202 14.83 12.63 -9.15
CA HIS A 202 14.77 12.89 -7.72
C HIS A 202 16.07 12.51 -7.02
N SER A 203 16.32 13.17 -5.90
CA SER A 203 17.53 12.95 -5.13
C SER A 203 17.36 11.78 -4.18
N ALA A 204 18.49 11.31 -3.65
CA ALA A 204 18.49 10.23 -2.67
C ALA A 204 17.70 10.60 -1.42
N GLU A 205 17.60 11.90 -1.12
CA GLU A 205 16.88 12.34 0.08
C GLU A 205 15.36 12.33 -0.08
N ASP A 206 14.85 12.17 -1.29
CA ASP A 206 13.40 12.35 -1.52
C ASP A 206 12.67 11.05 -1.25
N PHE A 207 12.22 10.89 -0.01
CA PHE A 207 11.47 9.70 0.36
C PHE A 207 10.01 9.75 -0.08
N ASN A 208 9.54 10.87 -0.63
CA ASN A 208 8.19 10.87 -1.21
C ASN A 208 8.10 9.88 -2.37
N ALA A 209 9.23 9.50 -2.97
CA ALA A 209 9.20 8.55 -4.06
C ALA A 209 8.65 7.20 -3.63
N THR A 210 8.80 6.84 -2.35
CA THR A 210 8.34 5.54 -1.87
C THR A 210 7.08 5.60 -1.02
N LEU A 211 6.61 6.78 -0.66
CA LEU A 211 5.42 6.89 0.17
C LEU A 211 4.20 6.40 -0.58
N PRO A 212 3.27 5.73 0.09
CA PRO A 212 2.09 5.20 -0.62
C PRO A 212 1.30 6.31 -1.29
N LYS A 213 0.85 6.05 -2.52
CA LYS A 213 0.03 7.02 -3.24
C LYS A 213 -1.40 6.99 -2.70
N SER A 214 -1.96 8.16 -2.43
CA SER A 214 -3.25 8.27 -1.77
C SER A 214 -4.27 8.95 -2.68
N ARG A 215 -5.40 8.28 -2.89
CA ARG A 215 -6.52 8.88 -3.61
C ARG A 215 -7.82 8.46 -2.94
N LEU A 216 -8.84 9.30 -3.09
CA LEU A 216 -10.18 8.93 -2.64
C LEU A 216 -10.63 7.66 -3.35
N PRO A 217 -11.45 6.83 -2.70
CA PRO A 217 -11.94 5.62 -3.35
C PRO A 217 -12.87 5.93 -4.52
N GLN A 218 -12.86 5.04 -5.50
CA GLN A 218 -13.77 5.18 -6.65
C GLN A 218 -15.23 5.20 -6.22
N SER A 219 -15.55 4.57 -5.08
CA SER A 219 -16.94 4.62 -4.61
C SER A 219 -17.37 6.05 -4.33
N THR A 220 -16.43 6.95 -4.04
CA THR A 220 -16.74 8.36 -3.85
C THR A 220 -16.77 9.12 -5.17
N THR A 221 -15.79 8.89 -6.04
CA THR A 221 -15.58 9.78 -7.18
C THR A 221 -16.17 9.30 -8.51
N ILE A 222 -16.57 8.04 -8.63
CA ILE A 222 -17.01 7.50 -9.92
C ILE A 222 -18.43 6.97 -9.80
N THR A 223 -19.29 7.41 -10.71
CA THR A 223 -20.61 6.82 -10.90
C THR A 223 -20.62 6.08 -12.23
N GLU A 224 -20.99 4.81 -12.20
CA GLU A 224 -21.04 3.98 -13.40
C GLU A 224 -22.48 3.84 -13.86
N ILE A 225 -22.72 4.12 -15.15
CA ILE A 225 -24.04 3.99 -15.72
C ILE A 225 -23.99 3.25 -17.05
N ASP B 10 7.91 4.18 -25.38
CA ASP B 10 8.02 5.24 -26.39
C ASP B 10 6.78 6.14 -26.35
N ILE B 11 6.72 7.00 -25.33
CA ILE B 11 5.53 7.83 -25.14
C ILE B 11 5.41 8.88 -26.23
N VAL B 12 6.53 9.32 -26.81
CA VAL B 12 6.44 10.30 -27.90
C VAL B 12 5.71 9.70 -29.09
N SER B 13 6.00 8.44 -29.42
CA SER B 13 5.28 7.78 -30.51
CA SER B 13 5.28 7.78 -30.51
C SER B 13 3.78 7.72 -30.21
N VAL B 14 3.42 7.47 -28.95
CA VAL B 14 2.02 7.49 -28.55
C VAL B 14 1.42 8.87 -28.78
N ALA B 15 2.13 9.91 -28.35
CA ALA B 15 1.65 11.28 -28.51
C ALA B 15 1.48 11.66 -29.98
N LEU B 16 2.33 11.13 -30.86
CA LEU B 16 2.24 11.46 -32.27
C LEU B 16 1.20 10.61 -33.00
N LYS B 17 0.79 9.48 -32.42
CA LYS B 17 -0.18 8.60 -33.05
C LYS B 17 -1.63 8.86 -32.60
N ARG B 18 -1.83 9.22 -31.33
CA ARG B 18 -3.18 9.53 -30.88
C ARG B 18 -3.73 10.72 -31.66
N TYR B 19 -5.04 10.81 -31.75
CA TYR B 19 -5.69 11.88 -32.49
C TYR B 19 -7.12 12.01 -32.00
N SER B 20 -7.77 13.10 -32.39
CA SER B 20 -9.17 13.31 -32.00
C SER B 20 -10.09 12.49 -32.90
N THR B 21 -10.52 11.34 -32.37
CA THR B 21 -11.36 10.41 -33.10
C THR B 21 -12.67 11.07 -33.51
N LYS B 22 -13.06 10.89 -34.76
CA LYS B 22 -14.29 11.46 -35.28
C LYS B 22 -15.43 10.47 -35.36
N ALA B 23 -15.14 9.16 -35.40
CA ALA B 23 -16.17 8.14 -35.44
C ALA B 23 -15.65 6.88 -34.78
N PHE B 24 -16.48 6.25 -33.95
CA PHE B 24 -16.10 5.07 -33.20
C PHE B 24 -16.79 3.83 -33.75
N ASP B 25 -16.12 2.70 -33.64
CA ASP B 25 -16.69 1.41 -34.00
C ASP B 25 -17.48 0.91 -32.80
N ALA B 26 -18.81 0.92 -32.91
CA ALA B 26 -19.66 0.53 -31.79
C ALA B 26 -19.53 -0.94 -31.43
N THR B 27 -18.96 -1.77 -32.29
CA THR B 27 -18.81 -3.17 -31.99
C THR B 27 -17.57 -3.50 -31.19
N LYS B 28 -16.66 -2.54 -31.00
CA LYS B 28 -15.38 -2.79 -30.35
C LYS B 28 -15.42 -2.25 -28.92
N LYS B 29 -15.64 -3.15 -27.97
CA LYS B 29 -15.73 -2.79 -26.57
C LYS B 29 -14.37 -2.93 -25.88
N LEU B 30 -14.18 -2.13 -24.83
CA LEU B 30 -13.04 -2.36 -23.95
C LEU B 30 -13.15 -3.74 -23.30
N THR B 31 -12.00 -4.35 -23.04
CA THR B 31 -12.01 -5.54 -22.20
C THR B 31 -12.32 -5.15 -20.76
N ALA B 32 -12.66 -6.14 -19.94
CA ALA B 32 -12.91 -5.87 -18.54
C ALA B 32 -11.69 -5.25 -17.88
N GLY B 33 -10.49 -5.76 -18.22
CA GLY B 33 -9.27 -5.20 -17.66
C GLY B 33 -9.05 -3.76 -18.10
N GLU B 34 -9.31 -3.47 -19.37
CA GLU B 34 -9.16 -2.08 -19.85
C GLU B 34 -10.13 -1.16 -19.13
N ALA B 35 -11.36 -1.61 -18.90
CA ALA B 35 -12.33 -0.79 -18.19
C ALA B 35 -11.86 -0.48 -16.78
N GLU B 36 -11.24 -1.46 -16.11
CA GLU B 36 -10.68 -1.18 -14.78
C GLU B 36 -9.53 -0.18 -14.86
N GLN B 37 -8.66 -0.34 -15.86
CA GLN B 37 -7.53 0.57 -16.02
C GLN B 37 -8.00 1.98 -16.31
N LEU B 38 -9.08 2.13 -17.09
CA LEU B 38 -9.65 3.45 -17.34
C LEU B 38 -9.99 4.14 -16.02
N LYS B 39 -10.65 3.42 -15.12
CA LYS B 39 -11.04 4.03 -13.85
C LYS B 39 -9.83 4.32 -12.97
N THR B 40 -8.81 3.46 -13.01
CA THR B 40 -7.58 3.73 -12.28
C THR B 40 -6.93 5.02 -12.75
N LEU B 41 -6.91 5.27 -14.07
CA LEU B 41 -6.34 6.51 -14.58
C LEU B 41 -7.08 7.74 -14.08
N LEU B 42 -8.41 7.69 -14.08
CA LEU B 42 -9.19 8.82 -13.56
C LEU B 42 -8.87 9.06 -12.10
N GLN B 43 -8.81 7.99 -11.31
CA GLN B 43 -8.61 8.10 -9.87
C GLN B 43 -7.23 8.65 -9.53
N TYR B 44 -6.19 8.22 -10.26
CA TYR B 44 -4.82 8.44 -9.84
C TYR B 44 -4.15 9.65 -10.49
N SER B 45 -4.89 10.45 -11.25
CA SER B 45 -4.35 11.71 -11.74
C SER B 45 -3.90 12.57 -10.57
N PRO B 46 -2.82 13.34 -10.73
CA PRO B 46 -2.46 14.32 -9.71
C PRO B 46 -3.40 15.51 -9.76
N SER B 47 -3.27 16.37 -8.74
CA SER B 47 -4.08 17.57 -8.62
C SER B 47 -3.42 18.44 -7.55
N SER B 48 -3.68 19.74 -7.63
CA SER B 48 -3.09 20.67 -6.67
C SER B 48 -3.48 20.28 -5.24
N THR B 49 -2.48 20.13 -4.37
CA THR B 49 -2.64 19.67 -2.99
C THR B 49 -3.29 18.29 -2.86
N ASN B 50 -3.33 17.50 -3.94
CA ASN B 50 -4.10 16.25 -3.93
C ASN B 50 -5.57 16.51 -3.62
N SER B 51 -6.06 17.69 -4.00
CA SER B 51 -7.42 18.11 -3.66
C SER B 51 -8.50 17.28 -4.35
N GLN B 52 -8.16 16.64 -5.48
CA GLN B 52 -9.07 15.72 -6.17
C GLN B 52 -10.49 16.26 -6.28
N PRO B 53 -10.68 17.47 -6.82
CA PRO B 53 -11.97 18.17 -6.66
C PRO B 53 -12.95 17.78 -7.77
N TRP B 54 -13.25 16.48 -7.85
CA TRP B 54 -13.80 15.98 -9.10
C TRP B 54 -14.77 14.82 -8.86
N HIS B 55 -15.60 14.59 -9.87
CA HIS B 55 -16.42 13.41 -9.98
C HIS B 55 -16.45 12.98 -11.44
N PHE B 56 -16.60 11.69 -11.69
CA PHE B 56 -16.63 11.15 -13.04
C PHE B 56 -17.88 10.30 -13.21
N ILE B 57 -18.60 10.52 -14.30
CA ILE B 57 -19.67 9.61 -14.71
C ILE B 57 -19.13 8.77 -15.84
N VAL B 58 -19.10 7.46 -15.67
CA VAL B 58 -18.58 6.56 -16.68
C VAL B 58 -19.74 5.76 -17.24
N ALA B 59 -20.10 6.05 -18.49
CA ALA B 59 -21.23 5.40 -19.15
C ALA B 59 -20.72 4.30 -20.07
N SER B 60 -21.20 3.07 -19.85
CA SER B 60 -20.79 1.93 -20.67
C SER B 60 -21.98 1.15 -21.21
N THR B 61 -23.20 1.49 -20.84
CA THR B 61 -24.39 0.86 -21.40
C THR B 61 -25.04 1.81 -22.40
N ASP B 62 -25.90 1.25 -23.24
CA ASP B 62 -26.62 2.09 -24.21
C ASP B 62 -27.51 3.09 -23.50
N GLU B 63 -28.18 2.65 -22.43
CA GLU B 63 -29.03 3.56 -21.66
C GLU B 63 -28.22 4.68 -21.03
N GLY B 64 -27.05 4.36 -20.47
CA GLY B 64 -26.22 5.39 -19.87
C GLY B 64 -25.69 6.38 -20.90
N LYS B 65 -25.22 5.87 -22.04
CA LYS B 65 -24.72 6.76 -23.08
C LYS B 65 -25.83 7.66 -23.62
N ALA B 66 -27.06 7.14 -23.70
CA ALA B 66 -28.18 7.97 -24.15
C ALA B 66 -28.42 9.15 -23.21
N ARG B 67 -28.25 8.95 -21.90
CA ARG B 67 -28.40 10.07 -20.98
C ARG B 67 -27.37 11.15 -21.27
N VAL B 68 -26.12 10.76 -21.50
CA VAL B 68 -25.08 11.73 -21.83
C VAL B 68 -25.39 12.40 -23.17
N ALA B 69 -25.85 11.62 -24.15
CA ALA B 69 -26.10 12.13 -25.49
C ALA B 69 -27.21 13.19 -25.54
N LYS B 70 -28.04 13.27 -24.50
CA LYS B 70 -29.04 14.34 -24.44
C LYS B 70 -28.39 15.71 -24.56
N ALA B 71 -27.13 15.84 -24.12
CA ALA B 71 -26.44 17.11 -24.17
C ALA B 71 -25.93 17.44 -25.56
N ALA B 72 -25.85 16.46 -26.45
CA ALA B 72 -25.37 16.66 -27.82
C ALA B 72 -26.57 16.93 -28.74
N SER B 73 -27.25 18.02 -28.42
CA SER B 73 -28.48 18.40 -29.09
C SER B 73 -28.34 19.83 -29.58
N GLY B 74 -29.31 20.27 -30.37
CA GLY B 74 -29.23 21.59 -30.96
C GLY B 74 -28.00 21.70 -31.84
N THR B 75 -27.19 22.73 -31.58
CA THR B 75 -25.98 22.93 -32.36
C THR B 75 -25.00 21.77 -32.24
N TYR B 76 -25.10 20.99 -31.16
CA TYR B 76 -24.07 20.01 -30.83
C TYR B 76 -24.39 18.60 -31.31
N VAL B 77 -25.39 18.45 -32.19
CA VAL B 77 -25.78 17.12 -32.67
C VAL B 77 -24.61 16.40 -33.34
N PHE B 78 -23.64 17.14 -33.87
CA PHE B 78 -22.50 16.51 -34.53
C PHE B 78 -21.67 15.64 -33.59
N ASN B 79 -21.80 15.81 -32.28
CA ASN B 79 -21.06 14.99 -31.33
C ASN B 79 -21.89 13.84 -30.75
N GLU B 80 -23.16 13.71 -31.16
CA GLU B 80 -24.02 12.69 -30.56
C GLU B 80 -23.55 11.29 -30.88
N ARG B 81 -23.16 11.04 -32.14
CA ARG B 81 -22.78 9.68 -32.54
C ARG B 81 -21.56 9.20 -31.79
N LYS B 82 -20.58 10.08 -31.56
CA LYS B 82 -19.37 9.67 -30.84
C LYS B 82 -19.71 9.16 -29.44
N ILE B 83 -20.64 9.85 -28.77
CA ILE B 83 -21.04 9.48 -27.42
C ILE B 83 -21.77 8.15 -27.41
N LEU B 84 -22.62 7.91 -28.42
CA LEU B 84 -23.38 6.67 -28.48
C LEU B 84 -22.55 5.47 -28.94
N ASP B 85 -21.52 5.70 -29.76
CA ASP B 85 -20.80 4.62 -30.41
C ASP B 85 -19.56 4.17 -29.66
N ALA B 86 -18.94 5.04 -28.87
CA ALA B 86 -17.76 4.65 -28.12
C ALA B 86 -18.13 3.60 -27.07
N SER B 87 -17.15 2.77 -26.71
CA SER B 87 -17.38 1.74 -25.71
C SER B 87 -17.73 2.33 -24.35
N HIS B 88 -16.93 3.31 -23.91
CA HIS B 88 -17.06 3.92 -22.60
C HIS B 88 -16.98 5.42 -22.77
N VAL B 89 -17.84 6.16 -22.06
CA VAL B 89 -17.87 7.61 -22.15
C VAL B 89 -17.72 8.19 -20.76
N VAL B 90 -16.73 9.07 -20.58
CA VAL B 90 -16.46 9.69 -19.29
C VAL B 90 -16.94 11.13 -19.30
N VAL B 91 -17.81 11.48 -18.35
CA VAL B 91 -18.14 12.88 -18.08
C VAL B 91 -17.27 13.35 -16.92
N PHE B 92 -16.40 14.32 -17.19
CA PHE B 92 -15.53 14.90 -16.16
C PHE B 92 -16.25 16.06 -15.50
N CYS B 93 -16.34 16.02 -14.18
CA CYS B 93 -17.04 17.03 -13.40
C CYS B 93 -16.13 17.62 -12.33
N ALA B 94 -16.27 18.91 -12.09
CA ALA B 94 -15.57 19.60 -11.02
C ALA B 94 -16.55 19.95 -9.90
N LYS B 95 -16.04 19.95 -8.67
CA LYS B 95 -16.76 20.60 -7.59
C LYS B 95 -16.91 22.08 -7.91
N THR B 96 -18.01 22.66 -7.41
CA THR B 96 -18.26 24.08 -7.60
C THR B 96 -17.80 24.95 -6.44
N ALA B 97 -17.51 24.36 -5.27
CA ALA B 97 -16.97 25.10 -4.14
C ALA B 97 -16.08 24.16 -3.34
N MET B 98 -14.95 24.68 -2.85
CA MET B 98 -14.07 23.88 -2.01
C MET B 98 -14.49 24.06 -0.56
N ASP B 99 -15.22 23.09 -0.03
CA ASP B 99 -15.74 23.14 1.32
C ASP B 99 -14.80 22.47 2.31
N ASP B 100 -14.95 22.84 3.59
CA ASP B 100 -14.12 22.27 4.65
C ASP B 100 -14.23 20.75 4.69
N ALA B 101 -15.43 20.22 4.49
CA ALA B 101 -15.62 18.76 4.61
C ALA B 101 -14.79 18.01 3.58
N TRP B 102 -14.72 18.54 2.34
CA TRP B 102 -13.91 17.89 1.33
C TRP B 102 -12.43 17.94 1.68
N LEU B 103 -11.95 19.08 2.19
CA LEU B 103 -10.55 19.18 2.62
C LEU B 103 -10.25 18.14 3.69
N GLN B 104 -11.16 17.97 4.65
CA GLN B 104 -10.95 16.98 5.71
C GLN B 104 -10.99 15.56 5.14
N ARG B 105 -11.88 15.32 4.18
CA ARG B 105 -11.97 14.01 3.55
C ARG B 105 -10.65 13.64 2.88
N VAL B 106 -10.03 14.60 2.18
CA VAL B 106 -8.78 14.32 1.47
C VAL B 106 -7.67 13.97 2.46
N VAL B 107 -7.52 14.78 3.51
CA VAL B 107 -6.43 14.56 4.44
C VAL B 107 -6.66 13.28 5.27
N ASP B 108 -7.91 12.98 5.61
CA ASP B 108 -8.21 11.73 6.30
C ASP B 108 -7.85 10.53 5.43
N GLN B 109 -8.11 10.62 4.12
CA GLN B 109 -7.73 9.54 3.22
C GLN B 109 -6.22 9.38 3.13
N GLU B 110 -5.49 10.51 3.09
CA GLU B 110 -4.03 10.40 3.11
C GLU B 110 -3.53 9.70 4.36
N GLU B 111 -4.15 9.99 5.52
CA GLU B 111 -3.79 9.26 6.73
C GLU B 111 -4.12 7.77 6.59
N ALA B 112 -5.31 7.45 6.08
CA ALA B 112 -5.71 6.06 5.94
C ALA B 112 -4.73 5.29 5.06
N ASP B 113 -4.15 5.96 4.08
CA ASP B 113 -3.20 5.35 3.17
C ASP B 113 -1.78 5.32 3.72
N GLY B 114 -1.57 5.83 4.94
CA GLY B 114 -0.25 5.73 5.55
C GLY B 114 0.76 6.75 5.12
N ARG B 115 0.31 7.95 4.71
CA ARG B 115 1.25 8.97 4.28
C ARG B 115 1.82 9.80 5.42
N PHE B 116 1.29 9.69 6.64
CA PHE B 116 1.72 10.51 7.76
C PHE B 116 2.31 9.65 8.86
N ALA B 117 3.50 10.02 9.33
CA ALA B 117 4.15 9.31 10.43
C ALA B 117 3.49 9.62 11.76
N THR B 118 2.96 10.83 11.93
CA THR B 118 2.54 11.34 13.22
C THR B 118 1.34 12.25 13.03
N PRO B 119 0.57 12.50 14.08
CA PRO B 119 -0.47 13.54 14.02
C PRO B 119 0.07 14.90 13.62
N ASP B 120 1.29 15.25 14.04
CA ASP B 120 1.88 16.53 13.65
C ASP B 120 2.03 16.62 12.15
N ALA B 121 2.47 15.53 11.51
CA ALA B 121 2.64 15.54 10.06
C ALA B 121 1.30 15.72 9.35
N LYS B 122 0.26 15.07 9.84
CA LYS B 122 -1.07 15.26 9.26
C LYS B 122 -1.53 16.69 9.41
N ALA B 123 -1.32 17.27 10.60
CA ALA B 123 -1.74 18.64 10.85
C ALA B 123 -1.03 19.62 9.94
N ALA B 124 0.27 19.41 9.70
CA ALA B 124 1.00 20.30 8.79
C ALA B 124 0.47 20.19 7.37
N ASN B 125 0.16 18.98 6.93
CA ASN B 125 -0.40 18.78 5.59
C ASN B 125 -1.75 19.47 5.48
N HIS B 126 -2.61 19.31 6.49
CA HIS B 126 -3.92 19.93 6.47
C HIS B 126 -3.82 21.45 6.47
N LYS B 127 -2.89 21.98 7.27
CA LYS B 127 -2.70 23.43 7.32
C LYS B 127 -2.23 23.97 5.96
N GLY B 128 -1.29 23.27 5.33
CA GLY B 128 -0.80 23.73 4.03
C GLY B 128 -1.88 23.69 2.96
N ARG B 129 -2.67 22.62 2.93
CA ARG B 129 -3.75 22.54 1.95
C ARG B 129 -4.78 23.62 2.22
N THR B 130 -5.12 23.84 3.48
CA THR B 130 -6.11 24.87 3.82
C THR B 130 -5.62 26.26 3.43
N PHE B 131 -4.30 26.52 3.54
CA PHE B 131 -3.74 27.79 3.08
C PHE B 131 -4.05 28.01 1.60
N PHE B 132 -3.78 27.01 0.76
CA PHE B 132 -4.05 27.14 -0.67
CA PHE B 132 -4.04 27.15 -0.66
C PHE B 132 -5.53 27.26 -0.94
N ALA B 133 -6.34 26.43 -0.28
CA ALA B 133 -7.78 26.49 -0.50
C ALA B 133 -8.31 27.86 -0.12
N ASP B 134 -7.84 28.42 1.01
CA ASP B 134 -8.30 29.73 1.44
C ASP B 134 -7.87 30.83 0.47
N MET B 135 -6.67 30.71 -0.09
CA MET B 135 -6.25 31.69 -1.10
C MET B 135 -7.27 31.75 -2.22
N HIS B 136 -7.82 30.60 -2.61
CA HIS B 136 -8.78 30.58 -3.71
C HIS B 136 -10.19 30.93 -3.25
N ARG B 137 -10.66 30.32 -2.16
CA ARG B 137 -12.07 30.47 -1.80
C ARG B 137 -12.35 31.74 -1.01
N LYS B 138 -11.35 32.30 -0.33
CA LYS B 138 -11.54 33.51 0.48
C LYS B 138 -10.93 34.75 -0.14
N GLU B 139 -9.68 34.66 -0.64
CA GLU B 139 -9.00 35.84 -1.13
C GLU B 139 -9.36 36.13 -2.59
N LEU B 140 -9.12 35.16 -3.48
CA LEU B 140 -9.34 35.38 -4.90
C LEU B 140 -10.77 35.11 -5.34
N LYS B 141 -11.54 34.36 -4.55
CA LYS B 141 -12.90 33.98 -4.93
C LYS B 141 -12.93 33.29 -6.28
N ASP B 142 -11.98 32.38 -6.48
CA ASP B 142 -11.86 31.67 -7.75
C ASP B 142 -11.69 30.17 -7.55
N ASP B 143 -12.14 29.65 -6.40
CA ASP B 143 -11.98 28.21 -6.16
C ASP B 143 -12.69 27.38 -7.22
N ASP B 144 -13.82 27.87 -7.77
CA ASP B 144 -14.46 27.14 -8.86
C ASP B 144 -13.54 26.99 -10.07
N GLN B 145 -12.86 28.08 -10.45
CA GLN B 145 -11.91 28.03 -11.56
C GLN B 145 -10.72 27.14 -11.23
N TRP B 146 -10.20 27.26 -10.01
CA TRP B 146 -9.07 26.45 -9.58
C TRP B 146 -9.38 24.96 -9.70
N MET B 147 -10.56 24.55 -9.23
CA MET B 147 -10.93 23.14 -9.30
C MET B 147 -11.16 22.68 -10.74
N ALA B 148 -11.80 23.52 -11.56
CA ALA B 148 -12.01 23.16 -12.96
C ALA B 148 -10.68 22.92 -13.67
N LYS B 149 -9.66 23.72 -13.35
CA LYS B 149 -8.33 23.52 -13.92
C LYS B 149 -7.78 22.15 -13.55
N GLN B 150 -7.97 21.72 -12.30
CA GLN B 150 -7.49 20.39 -11.92
C GLN B 150 -8.20 19.31 -12.73
N VAL B 151 -9.48 19.49 -13.02
CA VAL B 151 -10.20 18.52 -13.83
C VAL B 151 -9.61 18.46 -15.23
N TYR B 152 -9.25 19.61 -15.81
CA TYR B 152 -8.64 19.60 -17.13
C TYR B 152 -7.28 18.91 -17.10
N LEU B 153 -6.52 19.08 -16.02
CA LEU B 153 -5.27 18.33 -15.89
C LEU B 153 -5.56 16.82 -15.93
N ASN B 154 -6.59 16.39 -15.21
CA ASN B 154 -7.00 14.99 -15.24
C ASN B 154 -7.33 14.55 -16.67
N VAL B 155 -8.09 15.38 -17.40
CA VAL B 155 -8.40 15.06 -18.80
C VAL B 155 -7.13 14.85 -19.61
N GLY B 156 -6.15 15.75 -19.46
CA GLY B 156 -4.91 15.60 -20.23
C GLY B 156 -4.16 14.33 -19.88
N ASN B 157 -4.06 14.01 -18.58
CA ASN B 157 -3.48 12.73 -18.17
C ASN B 157 -4.25 11.57 -18.80
N PHE B 158 -5.58 11.66 -18.76
CA PHE B 158 -6.44 10.56 -19.24
C PHE B 158 -6.27 10.33 -20.74
N LEU B 159 -6.24 11.40 -21.53
CA LEU B 159 -6.15 11.24 -22.98
C LEU B 159 -4.86 10.54 -23.36
N LEU B 160 -3.75 10.90 -22.72
CA LEU B 160 -2.49 10.23 -23.05
C LEU B 160 -2.49 8.81 -22.52
N GLY B 161 -3.07 8.60 -21.33
CA GLY B 161 -3.09 7.26 -20.75
C GLY B 161 -3.87 6.27 -21.60
N VAL B 162 -5.09 6.65 -22.04
CA VAL B 162 -5.86 5.72 -22.86
C VAL B 162 -5.19 5.51 -24.21
N ALA B 163 -4.55 6.55 -24.75
CA ALA B 163 -3.77 6.36 -25.97
C ALA B 163 -2.67 5.34 -25.78
N ALA B 164 -1.97 5.40 -24.65
CA ALA B 164 -0.90 4.44 -24.38
C ALA B 164 -1.43 3.03 -24.18
N MET B 165 -2.69 2.89 -23.78
CA MET B 165 -3.34 1.59 -23.69
C MET B 165 -3.75 1.06 -25.06
N GLY B 166 -3.61 1.85 -26.12
CA GLY B 166 -4.07 1.44 -27.43
C GLY B 166 -5.50 1.77 -27.71
N LEU B 167 -6.10 2.69 -26.96
CA LEU B 167 -7.50 3.07 -27.13
C LEU B 167 -7.60 4.45 -27.79
N ASP B 168 -8.62 4.62 -28.61
CA ASP B 168 -8.97 5.91 -29.18
C ASP B 168 -9.87 6.68 -28.22
N ALA B 169 -9.80 8.01 -28.33
CA ALA B 169 -10.61 8.89 -27.51
C ALA B 169 -10.68 10.25 -28.20
N VAL B 170 -11.55 11.09 -27.68
CA VAL B 170 -11.64 12.47 -28.13
C VAL B 170 -12.18 13.32 -26.98
N PRO B 171 -11.55 14.44 -26.66
CA PRO B 171 -12.12 15.36 -25.67
C PRO B 171 -13.19 16.22 -26.33
N ILE B 172 -14.36 16.30 -25.70
CA ILE B 172 -15.50 17.02 -26.26
C ILE B 172 -15.91 18.14 -25.31
N GLU B 173 -15.82 19.38 -25.80
CA GLU B 173 -16.49 20.52 -25.17
C GLU B 173 -17.74 20.93 -25.92
N GLY B 174 -17.98 20.36 -27.10
CA GLY B 174 -19.13 20.70 -27.91
C GLY B 174 -20.37 19.92 -27.52
N VAL B 175 -20.83 20.11 -26.29
CA VAL B 175 -22.15 19.68 -25.84
C VAL B 175 -22.71 20.76 -24.95
N ASP B 176 -24.00 20.63 -24.64
CA ASP B 176 -24.68 21.58 -23.75
C ASP B 176 -24.51 21.06 -22.32
N PHE B 177 -23.55 21.63 -21.60
CA PHE B 177 -23.27 21.17 -20.24
C PHE B 177 -24.36 21.55 -19.25
N ALA B 178 -25.18 22.56 -19.56
CA ALA B 178 -26.35 22.83 -18.72
C ALA B 178 -27.33 21.66 -18.77
N ILE B 179 -27.55 21.10 -19.95
CA ILE B 179 -28.40 19.91 -20.08
C ILE B 179 -27.78 18.75 -19.32
N LEU B 180 -26.47 18.57 -19.46
CA LEU B 180 -25.79 17.48 -18.78
C LEU B 180 -25.91 17.63 -17.27
N ASP B 181 -25.71 18.85 -16.77
CA ASP B 181 -25.86 19.10 -15.34
C ASP B 181 -27.28 18.80 -14.88
N GLU B 182 -28.28 19.22 -15.64
CA GLU B 182 -29.66 18.95 -15.27
CA GLU B 182 -29.66 18.95 -15.27
C GLU B 182 -29.94 17.45 -15.28
N GLU B 183 -29.44 16.74 -16.31
CA GLU B 183 -29.73 15.32 -16.45
C GLU B 183 -29.21 14.52 -15.26
N PHE B 184 -28.08 14.93 -14.69
CA PHE B 184 -27.45 14.21 -13.59
C PHE B 184 -27.55 14.92 -12.25
N ASP B 185 -28.38 15.96 -12.16
CA ASP B 185 -28.64 16.65 -10.89
C ASP B 185 -27.34 17.12 -10.25
N LEU B 186 -26.41 17.61 -11.08
CA LEU B 186 -25.05 17.86 -10.59
C LEU B 186 -24.97 19.11 -9.71
N LYS B 187 -25.63 20.19 -10.12
CA LYS B 187 -25.47 21.47 -9.42
CA LYS B 187 -25.45 21.47 -9.41
C LYS B 187 -25.86 21.36 -7.95
N ALA B 188 -27.03 20.76 -7.68
CA ALA B 188 -27.49 20.66 -6.31
C ALA B 188 -26.61 19.74 -5.46
N GLN B 189 -25.83 18.88 -6.10
CA GLN B 189 -24.87 18.04 -5.40
C GLN B 189 -23.51 18.71 -5.23
N GLY B 190 -23.32 19.89 -5.82
CA GLY B 190 -22.05 20.58 -5.72
C GLY B 190 -21.07 20.30 -6.84
N TYR B 191 -21.54 19.94 -8.03
CA TYR B 191 -20.69 19.59 -9.15
C TYR B 191 -21.18 20.26 -10.43
N THR B 192 -20.28 20.37 -11.40
CA THR B 192 -20.64 20.81 -12.74
C THR B 192 -19.81 20.05 -13.76
N SER B 193 -20.45 19.66 -14.86
CA SER B 193 -19.76 18.90 -15.90
C SER B 193 -18.99 19.82 -16.84
N LEU B 194 -17.83 19.35 -17.31
CA LEU B 194 -16.91 20.21 -18.05
C LEU B 194 -16.43 19.62 -19.38
N VAL B 195 -16.16 18.32 -19.44
CA VAL B 195 -15.63 17.67 -20.63
C VAL B 195 -16.24 16.29 -20.74
N VAL B 196 -16.56 15.86 -21.95
CA VAL B 196 -16.98 14.49 -22.23
C VAL B 196 -15.88 13.82 -23.04
N VAL B 197 -15.44 12.63 -22.62
CA VAL B 197 -14.42 11.90 -23.35
C VAL B 197 -14.95 10.51 -23.68
N PRO B 198 -15.41 10.28 -24.91
CA PRO B 198 -15.68 8.92 -25.39
C PRO B 198 -14.37 8.18 -25.61
N VAL B 199 -14.38 6.89 -25.28
CA VAL B 199 -13.20 6.02 -25.36
C VAL B 199 -13.58 4.70 -26.01
N GLY B 200 -12.76 4.24 -26.93
CA GLY B 200 -13.01 2.97 -27.58
C GLY B 200 -12.03 2.72 -28.70
N HIS B 201 -12.54 2.34 -29.88
CA HIS B 201 -11.70 2.13 -31.05
C HIS B 201 -12.33 2.83 -32.24
N HIS B 202 -11.52 3.55 -33.00
CA HIS B 202 -12.06 4.31 -34.12
C HIS B 202 -12.63 3.40 -35.20
N SER B 203 -13.63 3.93 -35.89
CA SER B 203 -14.19 3.28 -37.07
C SER B 203 -13.19 3.30 -38.21
N ALA B 204 -13.20 2.25 -39.03
CA ALA B 204 -12.34 2.21 -40.20
C ALA B 204 -12.65 3.34 -41.18
N GLU B 205 -13.83 3.95 -41.09
CA GLU B 205 -14.19 5.06 -41.96
C GLU B 205 -13.66 6.40 -41.46
N ASP B 206 -13.03 6.44 -40.29
CA ASP B 206 -12.51 7.69 -39.74
C ASP B 206 -11.12 7.92 -40.31
N PHE B 207 -11.05 8.66 -41.41
CA PHE B 207 -9.77 8.98 -42.02
C PHE B 207 -9.03 10.11 -41.31
N ASN B 208 -9.63 10.74 -40.29
CA ASN B 208 -8.84 11.63 -39.45
C ASN B 208 -7.70 10.90 -38.78
N ALA B 209 -7.80 9.57 -38.66
CA ALA B 209 -6.71 8.79 -38.08
C ALA B 209 -5.44 8.88 -38.93
N THR B 210 -5.60 9.15 -40.23
CA THR B 210 -4.50 9.11 -41.20
C THR B 210 -3.95 10.49 -41.55
N LEU B 211 -4.66 11.56 -41.19
CA LEU B 211 -4.27 12.89 -41.64
C LEU B 211 -3.09 13.40 -40.82
N PRO B 212 -2.22 14.22 -41.42
CA PRO B 212 -1.05 14.71 -40.68
C PRO B 212 -1.47 15.51 -39.45
N LYS B 213 -0.76 15.28 -38.35
CA LYS B 213 -1.02 16.05 -37.13
C LYS B 213 -0.40 17.44 -37.27
N SER B 214 -1.16 18.46 -36.88
CA SER B 214 -0.75 19.84 -37.07
C SER B 214 -0.60 20.56 -35.74
N ARG B 215 0.58 21.15 -35.51
CA ARG B 215 0.80 22.02 -34.38
C ARG B 215 1.67 23.20 -34.83
N LEU B 216 1.53 24.31 -34.11
CA LEU B 216 2.38 25.46 -34.31
C LEU B 216 3.85 25.06 -34.09
N PRO B 217 4.78 25.69 -34.79
CA PRO B 217 6.20 25.38 -34.56
C PRO B 217 6.67 25.81 -33.17
N GLN B 218 7.67 25.10 -32.67
CA GLN B 218 8.25 25.45 -31.37
C GLN B 218 8.85 26.85 -31.38
N SER B 219 9.27 27.35 -32.54
CA SER B 219 9.79 28.72 -32.60
C SER B 219 8.74 29.73 -32.16
N THR B 220 7.45 29.39 -32.31
CA THR B 220 6.37 30.25 -31.86
C THR B 220 6.05 30.03 -30.38
N THR B 221 6.00 28.78 -29.93
CA THR B 221 5.41 28.49 -28.65
C THR B 221 6.41 28.28 -27.51
N ILE B 222 7.70 28.08 -27.80
CA ILE B 222 8.68 27.76 -26.77
C ILE B 222 9.77 28.82 -26.76
N THR B 223 10.07 29.34 -25.56
CA THR B 223 11.23 30.17 -25.32
C THR B 223 12.17 29.37 -24.43
N GLU B 224 13.40 29.15 -24.89
CA GLU B 224 14.41 28.46 -24.11
C GLU B 224 15.31 29.48 -23.43
N ILE B 225 15.51 29.32 -22.11
CA ILE B 225 16.36 30.21 -21.33
C ILE B 225 17.24 29.43 -20.38
N MET C 9 -14.91 -12.72 13.72
CA MET C 9 -14.65 -14.12 13.31
C MET C 9 -14.57 -14.96 14.58
N ASP C 10 -15.09 -16.20 14.54
CA ASP C 10 -15.12 -17.04 15.76
C ASP C 10 -13.78 -17.77 15.89
N ILE C 11 -12.76 -17.01 16.26
CA ILE C 11 -11.43 -17.60 16.34
C ILE C 11 -11.32 -18.59 17.51
N VAL C 12 -12.09 -18.41 18.57
CA VAL C 12 -12.02 -19.36 19.72
C VAL C 12 -12.51 -20.73 19.25
N SER C 13 -13.60 -20.74 18.48
N SER C 13 -13.59 -20.75 18.46
N SER C 13 -13.60 -20.74 18.47
CA SER C 13 -14.12 -22.03 17.93
CA SER C 13 -14.12 -22.03 17.93
CA SER C 13 -14.12 -22.03 17.93
C SER C 13 -13.02 -22.70 17.09
C SER C 13 -13.03 -22.70 17.10
C SER C 13 -13.03 -22.70 17.10
N VAL C 14 -12.26 -21.90 16.34
CA VAL C 14 -11.13 -22.47 15.53
C VAL C 14 -10.09 -23.05 16.50
N ALA C 15 -9.77 -22.31 17.57
CA ALA C 15 -8.78 -22.81 18.53
C ALA C 15 -9.23 -24.10 19.18
N LEU C 16 -10.52 -24.26 19.41
CA LEU C 16 -11.01 -25.46 20.10
C LEU C 16 -11.24 -26.62 19.15
N LYS C 17 -11.25 -26.38 17.84
CA LYS C 17 -11.44 -27.43 16.85
C LYS C 17 -10.13 -27.93 16.25
N ARG C 18 -9.13 -27.06 16.06
CA ARG C 18 -7.86 -27.52 15.54
C ARG C 18 -7.23 -28.51 16.51
N TYR C 19 -6.37 -29.39 15.99
CA TYR C 19 -5.75 -30.40 16.81
C TYR C 19 -4.49 -30.88 16.10
N SER C 20 -3.65 -31.59 16.82
CA SER C 20 -2.41 -32.11 16.24
C SER C 20 -2.73 -33.35 15.41
N THR C 21 -2.82 -33.16 14.10
CA THR C 21 -3.19 -34.23 13.18
C THR C 21 -2.21 -35.38 13.28
N LYS C 22 -2.74 -36.61 13.34
CA LYS C 22 -1.93 -37.82 13.38
C LYS C 22 -1.80 -38.51 12.04
N ALA C 23 -2.77 -38.32 11.13
CA ALA C 23 -2.71 -38.93 9.81
C ALA C 23 -3.40 -38.04 8.82
N PHE C 24 -2.77 -37.83 7.66
CA PHE C 24 -3.29 -36.99 6.60
C PHE C 24 -3.79 -37.84 5.45
N ASP C 25 -4.80 -37.32 4.75
CA ASP C 25 -5.34 -37.92 3.53
C ASP C 25 -4.52 -37.42 2.36
N ALA C 26 -3.68 -38.28 1.79
CA ALA C 26 -2.79 -37.87 0.72
C ALA C 26 -3.52 -37.52 -0.57
N THR C 27 -4.79 -37.88 -0.72
CA THR C 27 -5.53 -37.51 -1.92
C THR C 27 -6.06 -36.08 -1.88
N LYS C 28 -6.01 -35.42 -0.73
CA LYS C 28 -6.61 -34.10 -0.57
C LYS C 28 -5.50 -33.05 -0.61
N LYS C 29 -5.46 -32.30 -1.70
CA LYS C 29 -4.44 -31.26 -1.92
C LYS C 29 -5.03 -29.89 -1.65
N LEU C 30 -4.18 -28.97 -1.22
CA LEU C 30 -4.60 -27.58 -1.13
C LEU C 30 -4.95 -27.06 -2.52
N THR C 31 -5.91 -26.15 -2.57
CA THR C 31 -6.13 -25.44 -3.82
C THR C 31 -4.96 -24.49 -4.07
N ALA C 32 -4.87 -24.00 -5.30
CA ALA C 32 -3.84 -23.01 -5.63
C ALA C 32 -3.98 -21.78 -4.74
N GLY C 33 -5.21 -21.32 -4.52
CA GLY C 33 -5.42 -20.16 -3.67
C GLY C 33 -5.01 -20.40 -2.23
N GLU C 34 -5.31 -21.60 -1.70
CA GLU C 34 -4.89 -21.94 -0.36
C GLU C 34 -3.37 -21.99 -0.25
N ALA C 35 -2.70 -22.51 -1.28
CA ALA C 35 -1.24 -22.54 -1.24
C ALA C 35 -0.66 -21.13 -1.20
N GLU C 36 -1.28 -20.19 -1.92
CA GLU C 36 -0.80 -18.80 -1.85
C GLU C 36 -1.06 -18.21 -0.47
N GLN C 37 -2.22 -18.48 0.12
CA GLN C 37 -2.52 -17.98 1.45
C GLN C 37 -1.54 -18.53 2.48
N LEU C 38 -1.17 -19.81 2.35
CA LEU C 38 -0.20 -20.40 3.26
C LEU C 38 1.12 -19.62 3.24
N LYS C 39 1.60 -19.26 2.03
CA LYS C 39 2.85 -18.53 1.94
C LYS C 39 2.72 -17.11 2.47
N THR C 40 1.56 -16.48 2.25
CA THR C 40 1.31 -15.16 2.83
C THR C 40 1.39 -15.21 4.35
N LEU C 41 0.83 -16.25 4.97
CA LEU C 41 0.89 -16.36 6.42
C LEU C 41 2.33 -16.48 6.90
N LEU C 42 3.15 -17.27 6.22
CA LEU C 42 4.56 -17.38 6.62
C LEU C 42 5.25 -16.03 6.52
N GLN C 43 5.00 -15.32 5.43
CA GLN C 43 5.67 -14.06 5.15
C GLN C 43 5.28 -12.98 6.16
N TYR C 44 4.00 -12.92 6.54
CA TYR C 44 3.48 -11.75 7.24
C TYR C 44 3.44 -11.90 8.76
N SER C 45 3.97 -12.99 9.30
CA SER C 45 4.09 -13.11 10.75
C SER C 45 4.89 -11.93 11.29
N PRO C 46 4.56 -11.45 12.48
CA PRO C 46 5.41 -10.45 13.14
C PRO C 46 6.66 -11.13 13.68
N SER C 47 7.62 -10.29 14.09
CA SER C 47 8.88 -10.72 14.67
C SER C 47 9.51 -9.53 15.36
N SER C 48 10.39 -9.80 16.32
CA SER C 48 11.05 -8.74 17.06
C SER C 48 11.81 -7.82 16.11
N THR C 49 11.53 -6.52 16.20
CA THR C 49 12.07 -5.48 15.32
C THR C 49 11.76 -5.71 13.84
N ASN C 50 10.79 -6.56 13.51
CA ASN C 50 10.54 -6.96 12.12
C ASN C 50 11.79 -7.61 11.51
N SER C 51 12.60 -8.26 12.35
CA SER C 51 13.87 -8.82 11.92
C SER C 51 13.72 -10.00 10.98
N GLN C 52 12.57 -10.67 10.97
CA GLN C 52 12.23 -11.72 10.01
C GLN C 52 13.39 -12.71 9.82
N PRO C 53 13.91 -13.30 10.90
CA PRO C 53 15.20 -14.00 10.81
C PRO C 53 15.02 -15.44 10.37
N TRP C 54 14.42 -15.64 9.20
CA TRP C 54 13.86 -16.94 8.91
C TRP C 54 13.91 -17.27 7.42
N HIS C 55 13.83 -18.58 7.15
CA HIS C 55 13.62 -19.12 5.83
C HIS C 55 12.65 -20.29 5.94
N PHE C 56 11.88 -20.51 4.88
CA PHE C 56 10.90 -21.59 4.85
C PHE C 56 11.12 -22.45 3.62
N ILE C 57 11.14 -23.77 3.80
CA ILE C 57 11.08 -24.70 2.68
C ILE C 57 9.66 -25.21 2.60
N VAL C 58 9.00 -25.00 1.48
CA VAL C 58 7.61 -25.45 1.31
C VAL C 58 7.61 -26.58 0.29
N ALA C 59 7.39 -27.81 0.78
CA ALA C 59 7.44 -29.00 -0.05
C ALA C 59 6.03 -29.44 -0.39
N SER C 60 5.73 -29.50 -1.69
CA SER C 60 4.41 -29.91 -2.14
C SER C 60 4.45 -31.04 -3.15
N THR C 61 5.63 -31.49 -3.56
CA THR C 61 5.75 -32.64 -4.45
C THR C 61 6.14 -33.87 -3.65
N ASP C 62 5.88 -35.04 -4.23
CA ASP C 62 6.31 -36.28 -3.58
C ASP C 62 7.82 -36.28 -3.39
N GLU C 63 8.56 -35.81 -4.39
CA GLU C 63 10.02 -35.78 -4.27
C GLU C 63 10.46 -34.86 -3.14
N GLY C 64 9.86 -33.67 -3.06
CA GLY C 64 10.24 -32.74 -2.00
C GLY C 64 9.87 -33.25 -0.62
N LYS C 65 8.67 -33.83 -0.48
CA LYS C 65 8.27 -34.36 0.82
C LYS C 65 9.14 -35.55 1.22
N ALA C 66 9.56 -36.37 0.25
CA ALA C 66 10.46 -37.48 0.58
C ALA C 66 11.79 -36.97 1.10
N ARG C 67 12.27 -35.85 0.55
CA ARG C 67 13.52 -35.28 1.07
C ARG C 67 13.39 -34.85 2.52
N VAL C 68 12.27 -34.21 2.87
CA VAL C 68 12.04 -33.83 4.26
C VAL C 68 11.96 -35.07 5.14
N ALA C 69 11.26 -36.10 4.66
CA ALA C 69 11.04 -37.30 5.46
C ALA C 69 12.33 -38.07 5.74
N LYS C 70 13.39 -37.85 4.96
CA LYS C 70 14.67 -38.50 5.27
C LYS C 70 15.14 -38.17 6.67
N ALA C 71 14.79 -36.98 7.17
CA ALA C 71 15.21 -36.58 8.50
C ALA C 71 14.50 -37.35 9.60
N ALA C 72 13.43 -38.07 9.27
CA ALA C 72 12.71 -38.88 10.24
C ALA C 72 13.12 -40.34 10.22
N SER C 73 14.02 -40.75 9.33
CA SER C 73 14.41 -42.15 9.22
C SER C 73 15.01 -42.63 10.53
N GLY C 74 14.74 -43.90 10.86
CA GLY C 74 15.26 -44.49 12.08
C GLY C 74 14.47 -44.12 13.32
N THR C 75 15.09 -43.33 14.20
CA THR C 75 14.51 -43.01 15.50
C THR C 75 13.11 -42.42 15.38
N TYR C 76 12.87 -41.62 14.35
CA TYR C 76 11.62 -40.88 14.24
C TYR C 76 10.73 -41.40 13.11
N VAL C 77 10.88 -42.68 12.77
CA VAL C 77 10.22 -43.22 11.58
C VAL C 77 8.71 -43.07 11.66
N PHE C 78 8.16 -43.08 12.88
CA PHE C 78 6.73 -42.94 13.09
C PHE C 78 6.19 -41.57 12.66
N ASN C 79 7.05 -40.60 12.41
CA ASN C 79 6.62 -39.29 11.91
C ASN C 79 6.70 -39.17 10.38
N GLU C 80 7.23 -40.18 9.68
CA GLU C 80 7.37 -40.07 8.23
C GLU C 80 6.03 -39.93 7.52
N ARG C 81 5.03 -40.73 7.92
CA ARG C 81 3.76 -40.73 7.19
C ARG C 81 3.12 -39.35 7.15
N LYS C 82 3.15 -38.61 8.27
CA LYS C 82 2.54 -37.28 8.29
C LYS C 82 3.23 -36.36 7.28
N ILE C 83 4.56 -36.44 7.19
CA ILE C 83 5.31 -35.60 6.27
C ILE C 83 5.00 -35.96 4.83
N LEU C 84 4.87 -37.26 4.55
CA LEU C 84 4.66 -37.72 3.18
C LEU C 84 3.23 -37.51 2.70
N ASP C 85 2.26 -37.58 3.62
CA ASP C 85 0.85 -37.65 3.24
C ASP C 85 0.18 -36.30 3.22
N ALA C 86 0.71 -35.31 3.92
CA ALA C 86 0.14 -33.97 3.87
C ALA C 86 0.36 -33.37 2.49
N SER C 87 -0.51 -32.41 2.15
CA SER C 87 -0.42 -31.74 0.85
C SER C 87 0.83 -30.89 0.76
N HIS C 88 1.08 -30.07 1.76
CA HIS C 88 2.17 -29.13 1.78
C HIS C 88 2.87 -29.25 3.12
N VAL C 89 4.20 -29.29 3.11
CA VAL C 89 4.98 -29.44 4.33
C VAL C 89 5.92 -28.26 4.42
N VAL C 90 5.88 -27.53 5.53
CA VAL C 90 6.73 -26.37 5.74
C VAL C 90 7.86 -26.74 6.69
N VAL C 91 9.10 -26.52 6.27
CA VAL C 91 10.25 -26.59 7.15
C VAL C 91 10.56 -25.16 7.59
N PHE C 92 10.40 -24.88 8.88
CA PHE C 92 10.70 -23.57 9.44
C PHE C 92 12.17 -23.53 9.84
N CYS C 93 12.89 -22.52 9.35
CA CYS C 93 14.32 -22.37 9.61
C CYS C 93 14.61 -20.99 10.18
N ALA C 94 15.57 -20.93 11.10
CA ALA C 94 16.09 -19.68 11.62
C ALA C 94 17.46 -19.40 11.03
N LYS C 95 17.79 -18.12 10.90
CA LYS C 95 19.18 -17.74 10.68
C LYS C 95 20.04 -18.23 11.85
N THR C 96 21.29 -18.54 11.54
CA THR C 96 22.23 -18.98 12.56
C THR C 96 22.98 -17.82 13.21
N ALA C 97 23.04 -16.67 12.55
CA ALA C 97 23.69 -15.49 13.10
C ALA C 97 23.04 -14.26 12.50
N MET C 98 22.85 -13.22 13.30
CA MET C 98 22.28 -11.97 12.80
C MET C 98 23.41 -11.09 12.28
N ASP C 99 23.60 -11.10 10.97
CA ASP C 99 24.66 -10.35 10.31
C ASP C 99 24.17 -8.96 9.92
N ASP C 100 25.12 -8.04 9.72
CA ASP C 100 24.80 -6.67 9.34
C ASP C 100 23.99 -6.62 8.04
N ALA C 101 24.34 -7.46 7.06
CA ALA C 101 23.66 -7.40 5.78
C ALA C 101 22.17 -7.66 5.92
N TRP C 102 21.79 -8.59 6.79
CA TRP C 102 20.36 -8.87 6.97
C TRP C 102 19.65 -7.69 7.60
N LEU C 103 20.25 -7.06 8.62
CA LEU C 103 19.64 -5.88 9.21
C LEU C 103 19.44 -4.80 8.15
N GLN C 104 20.42 -4.61 7.27
CA GLN C 104 20.30 -3.62 6.21
C GLN C 104 19.20 -4.01 5.22
N ARG C 105 19.11 -5.30 4.90
CA ARG C 105 18.07 -5.79 3.99
C ARG C 105 16.68 -5.47 4.53
N VAL C 106 16.47 -5.71 5.83
CA VAL C 106 15.17 -5.46 6.44
C VAL C 106 14.80 -3.98 6.37
N VAL C 107 15.74 -3.10 6.74
CA VAL C 107 15.41 -1.69 6.77
C VAL C 107 15.27 -1.12 5.36
N ASP C 108 16.05 -1.64 4.40
CA ASP C 108 15.88 -1.22 3.02
C ASP C 108 14.50 -1.60 2.51
N GLN C 109 14.02 -2.78 2.89
CA GLN C 109 12.67 -3.20 2.49
C GLN C 109 11.60 -2.32 3.12
N GLU C 110 11.79 -1.93 4.39
CA GLU C 110 10.84 -1.01 5.01
C GLU C 110 10.79 0.31 4.27
N GLU C 111 11.95 0.80 3.80
CA GLU C 111 11.95 2.02 3.00
C GLU C 111 11.19 1.81 1.70
N ALA C 112 11.48 0.69 1.02
CA ALA C 112 10.82 0.42 -0.27
C ALA C 112 9.32 0.34 -0.12
N ASP C 113 8.84 -0.12 1.03
CA ASP C 113 7.42 -0.21 1.30
C ASP C 113 6.80 1.11 1.78
N GLY C 114 7.61 2.16 1.91
CA GLY C 114 7.08 3.47 2.23
C GLY C 114 6.84 3.73 3.70
N ARG C 115 7.59 3.08 4.58
CA ARG C 115 7.39 3.26 6.02
C ARG C 115 8.13 4.47 6.60
N PHE C 116 9.02 5.12 5.85
CA PHE C 116 9.83 6.21 6.37
C PHE C 116 9.53 7.51 5.65
N ALA C 117 9.31 8.57 6.44
CA ALA C 117 9.05 9.88 5.86
C ALA C 117 10.30 10.52 5.30
N THR C 118 11.46 10.22 5.87
CA THR C 118 12.70 10.96 5.60
C THR C 118 13.87 10.01 5.77
N PRO C 119 15.05 10.37 5.24
CA PRO C 119 16.26 9.61 5.59
C PRO C 119 16.51 9.56 7.08
N ASP C 120 16.21 10.63 7.81
CA ASP C 120 16.41 10.63 9.26
C ASP C 120 15.57 9.55 9.92
N ALA C 121 14.32 9.38 9.48
CA ALA C 121 13.47 8.35 10.07
C ALA C 121 14.03 6.96 9.80
N LYS C 122 14.53 6.74 8.59
CA LYS C 122 15.15 5.44 8.30
C LYS C 122 16.35 5.19 9.19
N ALA C 123 17.20 6.21 9.36
CA ALA C 123 18.40 6.06 10.17
C ALA C 123 18.04 5.74 11.62
N ALA C 124 17.02 6.40 12.16
CA ALA C 124 16.62 6.13 13.54
C ALA C 124 16.11 4.70 13.68
N ASN C 125 15.34 4.23 12.71
CA ASN C 125 14.82 2.86 12.75
C ASN C 125 15.96 1.85 12.68
N HIS C 126 16.92 2.09 11.79
CA HIS C 126 18.07 1.20 11.66
C HIS C 126 18.91 1.21 12.94
N LYS C 127 19.11 2.39 13.53
CA LYS C 127 19.88 2.50 14.76
C LYS C 127 19.20 1.73 15.89
N GLY C 128 17.88 1.86 16.01
CA GLY C 128 17.17 1.15 17.06
C GLY C 128 17.21 -0.36 16.88
N ARG C 129 16.99 -0.84 15.66
CA ARG C 129 17.06 -2.28 15.43
C ARG C 129 18.47 -2.81 15.70
N THR C 130 19.48 -2.06 15.25
CA THR C 130 20.86 -2.47 15.47
C THR C 130 21.20 -2.52 16.95
N PHE C 131 20.68 -1.57 17.72
CA PHE C 131 20.93 -1.57 19.16
C PHE C 131 20.37 -2.84 19.80
N PHE C 132 19.14 -3.22 19.43
CA PHE C 132 18.53 -4.43 19.98
C PHE C 132 19.25 -5.68 19.49
N ALA C 133 19.61 -5.72 18.21
CA ALA C 133 20.36 -6.85 17.67
C ALA C 133 21.72 -6.99 18.35
N ASP C 134 22.39 -5.87 18.62
CA ASP C 134 23.70 -5.91 19.28
C ASP C 134 23.59 -6.45 20.70
N MET C 135 22.50 -6.12 21.40
CA MET C 135 22.29 -6.69 22.72
CA MET C 135 22.31 -6.68 22.73
C MET C 135 22.35 -8.21 22.67
N HIS C 136 21.78 -8.80 21.61
CA HIS C 136 21.80 -10.25 21.48
C HIS C 136 23.12 -10.77 20.91
N ARG C 137 23.62 -10.18 19.83
CA ARG C 137 24.75 -10.80 19.14
C ARG C 137 26.10 -10.42 19.76
N LYS C 138 26.18 -9.27 20.43
CA LYS C 138 27.45 -8.84 21.02
C LYS C 138 27.50 -8.99 22.53
N GLU C 139 26.42 -8.66 23.24
CA GLU C 139 26.45 -8.67 24.71
CA GLU C 139 26.45 -8.66 24.71
C GLU C 139 26.02 -10.01 25.29
N LEU C 140 24.80 -10.45 24.98
CA LEU C 140 24.32 -11.72 25.52
C LEU C 140 24.84 -12.92 24.75
N LYS C 141 25.29 -12.73 23.51
CA LYS C 141 25.73 -13.82 22.64
C LYS C 141 24.67 -14.91 22.53
N ASP C 142 23.42 -14.47 22.36
CA ASP C 142 22.29 -15.40 22.25
C ASP C 142 21.45 -15.11 21.02
N ASP C 143 22.01 -14.49 19.99
CA ASP C 143 21.21 -14.15 18.82
C ASP C 143 20.64 -15.39 18.15
N ASP C 144 21.35 -16.53 18.23
CA ASP C 144 20.81 -17.77 17.69
C ASP C 144 19.49 -18.15 18.38
N GLN C 145 19.47 -18.08 19.72
CA GLN C 145 18.24 -18.40 20.45
C GLN C 145 17.15 -17.36 20.20
N TRP C 146 17.54 -16.10 20.14
CA TRP C 146 16.59 -15.02 19.90
C TRP C 146 15.88 -15.20 18.57
N MET C 147 16.64 -15.54 17.52
CA MET C 147 16.03 -15.73 16.21
C MET C 147 15.17 -16.99 16.17
N ALA C 148 15.62 -18.05 16.83
CA ALA C 148 14.82 -19.27 16.89
C ALA C 148 13.47 -19.02 17.56
N LYS C 149 13.45 -18.16 18.60
CA LYS C 149 12.20 -17.80 19.24
C LYS C 149 11.25 -17.11 18.26
N GLN C 150 11.78 -16.23 17.40
CA GLN C 150 10.92 -15.57 16.41
C GLN C 150 10.34 -16.58 15.45
N VAL C 151 11.12 -17.60 15.09
CA VAL C 151 10.62 -18.65 14.22
C VAL C 151 9.46 -19.39 14.88
N TYR C 152 9.58 -19.68 16.18
CA TYR C 152 8.49 -20.34 16.88
C TYR C 152 7.25 -19.47 16.96
N LEU C 153 7.43 -18.16 17.09
CA LEU C 153 6.28 -17.27 17.03
C LEU C 153 5.58 -17.41 15.69
N ASN C 154 6.36 -17.44 14.60
CA ASN C 154 5.79 -17.65 13.28
C ASN C 154 5.03 -18.98 13.22
N VAL C 155 5.60 -20.06 13.76
CA VAL C 155 4.90 -21.35 13.80
C VAL C 155 3.55 -21.21 14.49
N GLY C 156 3.50 -20.52 15.64
CA GLY C 156 2.25 -20.39 16.35
C GLY C 156 1.20 -19.61 15.57
N ASN C 157 1.63 -18.52 14.94
CA ASN C 157 0.77 -17.78 14.03
C ASN C 157 0.27 -18.68 12.91
N PHE C 158 1.18 -19.47 12.33
CA PHE C 158 0.86 -20.31 11.19
C PHE C 158 -0.15 -21.38 11.55
N LEU C 159 0.04 -22.06 12.68
CA LEU C 159 -0.87 -23.15 13.03
C LEU C 159 -2.29 -22.64 13.20
N LEU C 160 -2.46 -21.47 13.82
CA LEU C 160 -3.81 -20.94 13.96
C LEU C 160 -4.34 -20.44 12.61
N GLY C 161 -3.47 -19.84 11.80
CA GLY C 161 -3.91 -19.34 10.51
C GLY C 161 -4.41 -20.43 9.60
N VAL C 162 -3.64 -21.52 9.46
CA VAL C 162 -4.10 -22.60 8.60
C VAL C 162 -5.35 -23.26 9.18
N ALA C 163 -5.46 -23.36 10.51
CA ALA C 163 -6.70 -23.85 11.10
C ALA C 163 -7.89 -22.99 10.70
N ALA C 164 -7.71 -21.66 10.73
CA ALA C 164 -8.78 -20.75 10.34
C ALA C 164 -9.13 -20.86 8.86
N MET C 165 -8.21 -21.33 8.02
CA MET C 165 -8.48 -21.63 6.62
C MET C 165 -9.23 -22.94 6.43
N GLY C 166 -9.47 -23.70 7.50
CA GLY C 166 -10.07 -25.01 7.36
C GLY C 166 -9.11 -26.13 7.07
N LEU C 167 -7.82 -25.94 7.34
CA LEU C 167 -6.80 -26.93 7.04
C LEU C 167 -6.27 -27.55 8.33
N ASP C 168 -5.94 -28.84 8.25
CA ASP C 168 -5.28 -29.54 9.34
C ASP C 168 -3.76 -29.37 9.26
N ALA C 169 -3.12 -29.44 10.42
CA ALA C 169 -1.68 -29.28 10.52
C ALA C 169 -1.21 -29.93 11.80
N VAL C 170 0.11 -30.07 11.93
CA VAL C 170 0.73 -30.57 13.16
C VAL C 170 2.17 -30.03 13.21
N PRO C 171 2.58 -29.45 14.33
CA PRO C 171 3.99 -29.05 14.48
C PRO C 171 4.80 -30.27 14.90
N ILE C 172 5.89 -30.54 14.17
CA ILE C 172 6.71 -31.72 14.42
C ILE C 172 8.11 -31.27 14.81
N GLU C 173 8.53 -31.64 16.02
CA GLU C 173 9.91 -31.55 16.47
C GLU C 173 10.61 -32.90 16.46
N GLY C 174 9.87 -33.97 16.26
CA GLY C 174 10.44 -35.31 16.25
C GLY C 174 10.99 -35.70 14.89
N VAL C 175 12.05 -35.00 14.47
CA VAL C 175 12.90 -35.42 13.36
C VAL C 175 14.33 -35.05 13.72
N ASP C 176 15.27 -35.55 12.93
CA ASP C 176 16.68 -35.21 13.11
C ASP C 176 16.97 -33.97 12.27
N PHE C 177 17.00 -32.81 12.91
CA PHE C 177 17.21 -31.57 12.17
C PHE C 177 18.64 -31.41 11.66
N ALA C 178 19.60 -32.16 12.23
CA ALA C 178 20.93 -32.19 11.64
C ALA C 178 20.90 -32.84 10.26
N ILE C 179 20.17 -33.93 10.12
CA ILE C 179 19.98 -34.56 8.81
C ILE C 179 19.24 -33.62 7.87
N LEU C 180 18.20 -32.96 8.37
CA LEU C 180 17.46 -32.02 7.54
C LEU C 180 18.35 -30.87 7.07
N ASP C 181 19.20 -30.34 7.96
CA ASP C 181 20.13 -29.29 7.57
C ASP C 181 21.08 -29.77 6.49
N GLU C 182 21.61 -30.98 6.62
CA GLU C 182 22.51 -31.51 5.61
C GLU C 182 21.79 -31.72 4.28
N GLU C 183 20.56 -32.25 4.33
CA GLU C 183 19.82 -32.54 3.10
C GLU C 183 19.60 -31.28 2.28
N PHE C 184 19.41 -30.13 2.94
CA PHE C 184 19.10 -28.88 2.25
C PHE C 184 20.25 -27.89 2.26
N ASP C 185 21.45 -28.32 2.67
CA ASP C 185 22.64 -27.46 2.65
C ASP C 185 22.41 -26.15 3.40
N LEU C 186 21.70 -26.23 4.53
CA LEU C 186 21.24 -25.01 5.20
C LEU C 186 22.37 -24.29 5.90
N LYS C 187 23.29 -25.02 6.54
CA LYS C 187 24.31 -24.38 7.37
C LYS C 187 25.18 -23.44 6.55
N ALA C 188 25.63 -23.89 5.37
CA ALA C 188 26.45 -23.05 4.51
C ALA C 188 25.70 -21.82 4.03
N GLN C 189 24.37 -21.90 3.97
CA GLN C 189 23.53 -20.78 3.57
C GLN C 189 23.13 -19.89 4.73
N GLY C 190 23.53 -20.24 5.96
CA GLY C 190 23.23 -19.41 7.11
C GLY C 190 21.94 -19.71 7.84
N TYR C 191 21.39 -20.91 7.69
CA TYR C 191 20.12 -21.26 8.30
C TYR C 191 20.21 -22.61 9.00
N THR C 192 19.28 -22.82 9.92
CA THR C 192 19.12 -24.12 10.58
C THR C 192 17.64 -24.40 10.77
N SER C 193 17.26 -25.66 10.51
CA SER C 193 15.85 -26.05 10.57
C SER C 193 15.44 -26.36 12.01
N LEU C 194 14.19 -26.02 12.34
CA LEU C 194 13.70 -26.11 13.72
C LEU C 194 12.40 -26.88 13.88
N VAL C 195 11.44 -26.72 12.96
CA VAL C 195 10.12 -27.31 13.08
C VAL C 195 9.65 -27.70 11.68
N VAL C 196 8.98 -28.84 11.59
CA VAL C 196 8.34 -29.29 10.35
C VAL C 196 6.84 -29.25 10.58
N VAL C 197 6.11 -28.58 9.70
CA VAL C 197 4.65 -28.48 9.83
C VAL C 197 3.99 -28.99 8.55
N PRO C 198 3.53 -30.24 8.55
CA PRO C 198 2.68 -30.71 7.45
C PRO C 198 1.30 -30.06 7.52
N VAL C 199 0.76 -29.72 6.35
CA VAL C 199 -0.52 -29.04 6.21
C VAL C 199 -1.36 -29.75 5.16
N GLY C 200 -2.63 -29.97 5.45
CA GLY C 200 -3.51 -30.63 4.50
C GLY C 200 -4.86 -30.92 5.11
N HIS C 201 -5.37 -32.14 4.90
CA HIS C 201 -6.64 -32.56 5.47
C HIS C 201 -6.45 -33.92 6.13
N HIS C 202 -6.95 -34.06 7.37
CA HIS C 202 -6.77 -35.32 8.07
C HIS C 202 -7.56 -36.44 7.39
N SER C 203 -7.05 -37.66 7.54
CA SER C 203 -7.76 -38.80 6.99
C SER C 203 -8.88 -39.24 7.94
N ALA C 204 -9.86 -39.95 7.37
CA ALA C 204 -10.97 -40.44 8.18
C ALA C 204 -10.52 -41.37 9.30
N GLU C 205 -9.36 -42.02 9.14
CA GLU C 205 -8.83 -42.91 10.16
C GLU C 205 -8.13 -42.18 11.29
N ASP C 206 -7.96 -40.86 11.21
CA ASP C 206 -7.33 -40.11 12.29
C ASP C 206 -8.40 -39.78 13.32
N PHE C 207 -8.56 -40.66 14.30
CA PHE C 207 -9.56 -40.43 15.34
C PHE C 207 -9.11 -39.40 16.38
N ASN C 208 -7.85 -38.96 16.33
CA ASN C 208 -7.45 -37.85 17.20
C ASN C 208 -8.25 -36.59 16.91
N ALA C 209 -8.83 -36.47 15.72
CA ALA C 209 -9.67 -35.32 15.40
C ALA C 209 -10.89 -35.24 16.31
N THR C 210 -11.31 -36.34 16.91
CA THR C 210 -12.54 -36.40 17.70
C THR C 210 -12.29 -36.48 19.20
N LEU C 211 -11.06 -36.69 19.64
CA LEU C 211 -10.82 -36.86 21.05
C LEU C 211 -10.91 -35.51 21.77
N PRO C 212 -11.39 -35.49 23.01
CA PRO C 212 -11.52 -34.22 23.73
C PRO C 212 -10.18 -33.51 23.87
N LYS C 213 -10.19 -32.20 23.66
CA LYS C 213 -8.97 -31.42 23.82
C LYS C 213 -8.66 -31.24 25.30
N SER C 214 -7.40 -31.40 25.67
CA SER C 214 -6.99 -31.37 27.07
C SER C 214 -5.96 -30.29 27.33
N ARG C 215 -6.25 -29.42 28.29
CA ARG C 215 -5.29 -28.44 28.77
C ARG C 215 -5.41 -28.31 30.28
N LEU C 216 -4.32 -27.92 30.92
CA LEU C 216 -4.34 -27.61 32.34
C LEU C 216 -5.35 -26.49 32.60
N PRO C 217 -6.00 -26.51 33.76
CA PRO C 217 -6.97 -25.46 34.08
C PRO C 217 -6.27 -24.11 34.21
N GLN C 218 -7.02 -23.05 33.92
CA GLN C 218 -6.49 -21.70 34.04
C GLN C 218 -6.08 -21.38 35.48
N SER C 219 -6.67 -22.05 36.47
CA SER C 219 -6.24 -21.82 37.84
C SER C 219 -4.77 -22.17 38.02
N THR C 220 -4.27 -23.13 37.25
CA THR C 220 -2.85 -23.50 37.32
C THR C 220 -1.97 -22.51 36.58
N THR C 221 -2.38 -22.09 35.38
CA THR C 221 -1.46 -21.40 34.48
C THR C 221 -1.62 -19.89 34.43
N ILE C 222 -2.73 -19.32 34.93
CA ILE C 222 -3.03 -17.90 34.77
C ILE C 222 -3.18 -17.25 36.14
N THR C 223 -2.36 -16.23 36.41
CA THR C 223 -2.52 -15.35 37.56
C THR C 223 -3.09 -14.03 37.07
N GLU C 224 -4.20 -13.59 37.67
CA GLU C 224 -4.84 -12.33 37.29
C GLU C 224 -4.55 -11.27 38.34
N ILE C 225 -4.09 -10.10 37.89
CA ILE C 225 -3.76 -8.99 38.78
C ILE C 225 -4.34 -7.69 38.23
N ASP D 10 -11.82 -15.01 6.97
CA ASP D 10 -10.73 -14.47 6.15
C ASP D 10 -9.50 -14.16 7.01
N ILE D 11 -8.77 -15.20 7.37
CA ILE D 11 -7.66 -15.02 8.29
C ILE D 11 -6.50 -14.25 7.65
N VAL D 12 -6.34 -14.34 6.33
CA VAL D 12 -5.28 -13.56 5.68
C VAL D 12 -5.56 -12.06 5.81
N SER D 13 -6.82 -11.65 5.67
N SER D 13 -6.82 -11.65 5.67
N SER D 13 -6.82 -11.67 5.68
CA SER D 13 -7.15 -10.25 5.88
CA SER D 13 -7.15 -10.25 5.88
CA SER D 13 -7.18 -10.25 5.88
C SER D 13 -6.80 -9.81 7.30
C SER D 13 -6.80 -9.81 7.30
C SER D 13 -6.82 -9.81 7.29
N VAL D 14 -7.05 -10.69 8.28
CA VAL D 14 -6.66 -10.40 9.65
C VAL D 14 -5.15 -10.24 9.76
N ALA D 15 -4.40 -11.14 9.12
CA ALA D 15 -2.94 -11.07 9.17
C ALA D 15 -2.40 -9.79 8.55
N LEU D 16 -3.07 -9.30 7.49
CA LEU D 16 -2.59 -8.09 6.83
C LEU D 16 -3.05 -6.81 7.50
N LYS D 17 -4.04 -6.89 8.38
CA LYS D 17 -4.57 -5.73 9.09
C LYS D 17 -3.97 -5.55 10.48
N ARG D 18 -3.69 -6.64 11.18
CA ARG D 18 -3.07 -6.52 12.50
C ARG D 18 -1.71 -5.85 12.34
N TYR D 19 -1.26 -5.22 13.43
CA TYR D 19 0.02 -4.52 13.40
C TYR D 19 0.46 -4.33 14.84
N SER D 20 1.72 -3.92 15.02
CA SER D 20 2.25 -3.70 16.36
C SER D 20 1.80 -2.33 16.86
N THR D 21 0.80 -2.34 17.74
CA THR D 21 0.23 -1.11 18.26
C THR D 21 1.27 -0.33 19.04
N LYS D 22 1.33 0.98 18.77
CA LYS D 22 2.28 1.86 19.45
C LYS D 22 1.63 2.69 20.56
N ALA D 23 0.32 2.88 20.52
CA ALA D 23 -0.38 3.66 21.53
C ALA D 23 -1.80 3.14 21.66
N PHE D 24 -2.25 2.95 22.90
CA PHE D 24 -3.56 2.38 23.19
C PHE D 24 -4.51 3.45 23.70
N ASP D 25 -5.79 3.24 23.44
CA ASP D 25 -6.86 4.07 23.99
C ASP D 25 -7.29 3.43 25.31
N ALA D 26 -6.94 4.06 26.43
CA ALA D 26 -7.21 3.48 27.72
C ALA D 26 -8.70 3.41 28.05
N THR D 27 -9.55 4.15 27.34
CA THR D 27 -10.98 4.09 27.59
C THR D 27 -11.63 2.84 27.02
N LYS D 28 -10.94 2.13 26.12
CA LYS D 28 -11.56 1.03 25.39
C LYS D 28 -11.13 -0.29 26.02
N LYS D 29 -11.89 -0.73 27.02
CA LYS D 29 -11.60 -1.98 27.72
C LYS D 29 -12.20 -3.17 26.98
N LEU D 30 -11.59 -4.34 27.17
CA LEU D 30 -12.20 -5.56 26.70
C LEU D 30 -13.53 -5.77 27.42
N THR D 31 -14.50 -6.34 26.70
CA THR D 31 -15.71 -6.81 27.37
C THR D 31 -15.38 -8.00 28.26
N ALA D 32 -16.32 -8.35 29.14
CA ALA D 32 -16.11 -9.53 29.98
C ALA D 32 -15.93 -10.78 29.13
N GLY D 33 -16.74 -10.90 28.06
CA GLY D 33 -16.60 -12.05 27.18
C GLY D 33 -15.26 -12.07 26.46
N GLU D 34 -14.79 -10.91 26.01
CA GLU D 34 -13.48 -10.86 25.35
C GLU D 34 -12.37 -11.26 26.31
N ALA D 35 -12.47 -10.84 27.57
CA ALA D 35 -11.45 -11.20 28.56
C ALA D 35 -11.40 -12.70 28.77
N GLU D 36 -12.56 -13.36 28.79
CA GLU D 36 -12.57 -14.82 28.89
C GLU D 36 -11.97 -15.46 27.65
N GLN D 37 -12.29 -14.92 26.46
CA GLN D 37 -11.74 -15.47 25.22
C GLN D 37 -10.22 -15.31 25.18
N LEU D 38 -9.72 -14.18 25.67
CA LEU D 38 -8.28 -13.97 25.76
C LEU D 38 -7.63 -15.10 26.56
N LYS D 39 -8.20 -15.42 27.72
CA LYS D 39 -7.62 -16.46 28.56
C LYS D 39 -7.75 -17.84 27.91
N THR D 40 -8.87 -18.09 27.23
CA THR D 40 -9.01 -19.34 26.48
C THR D 40 -7.89 -19.49 25.44
N LEU D 41 -7.55 -18.40 24.74
CA LEU D 41 -6.49 -18.49 23.73
C LEU D 41 -5.14 -18.84 24.36
N LEU D 42 -4.82 -18.24 25.50
CA LEU D 42 -3.58 -18.61 26.18
C LEU D 42 -3.58 -20.07 26.56
N GLN D 43 -4.70 -20.55 27.09
CA GLN D 43 -4.80 -21.90 27.61
C GLN D 43 -4.68 -22.94 26.50
N TYR D 44 -5.32 -22.69 25.35
CA TYR D 44 -5.52 -23.73 24.34
C TYR D 44 -4.49 -23.72 23.23
N SER D 45 -3.45 -22.89 23.33
CA SER D 45 -2.34 -22.98 22.39
C SER D 45 -1.79 -24.40 22.38
N PRO D 46 -1.33 -24.90 21.23
CA PRO D 46 -0.57 -26.15 21.21
C PRO D 46 0.83 -25.94 21.76
N SER D 47 1.51 -27.07 22.00
CA SER D 47 2.88 -27.11 22.51
C SER D 47 3.42 -28.51 22.29
N SER D 48 4.74 -28.62 22.23
CA SER D 48 5.39 -29.91 22.04
C SER D 48 4.93 -30.90 23.10
N THR D 49 4.39 -32.04 22.66
CA THR D 49 3.83 -33.10 23.52
C THR D 49 2.71 -32.61 24.43
N ASN D 50 2.09 -31.45 24.13
CA ASN D 50 1.10 -30.85 25.02
C ASN D 50 1.71 -30.56 26.39
N SER D 51 3.02 -30.27 26.42
CA SER D 51 3.72 -30.07 27.68
C SER D 51 3.32 -28.79 28.40
N GLN D 52 2.75 -27.82 27.69
CA GLN D 52 2.21 -26.60 28.30
C GLN D 52 3.15 -25.99 29.34
N PRO D 53 4.40 -25.70 28.98
CA PRO D 53 5.42 -25.42 30.00
C PRO D 53 5.45 -23.94 30.37
N TRP D 54 4.31 -23.43 30.84
CA TRP D 54 4.12 -21.98 30.81
C TRP D 54 3.26 -21.49 31.94
N HIS D 55 3.39 -20.19 32.21
CA HIS D 55 2.51 -19.47 33.12
C HIS D 55 2.26 -18.09 32.51
N PHE D 56 1.09 -17.51 32.81
CA PHE D 56 0.73 -16.21 32.28
C PHE D 56 0.28 -15.32 33.42
N ILE D 57 0.78 -14.09 33.44
CA ILE D 57 0.26 -13.06 34.34
C ILE D 57 -0.57 -12.12 33.49
N VAL D 58 -1.86 -12.01 33.81
CA VAL D 58 -2.77 -11.17 33.05
C VAL D 58 -3.16 -9.99 33.92
N ALA D 59 -2.66 -8.80 33.57
CA ALA D 59 -2.87 -7.59 34.36
C ALA D 59 -3.96 -6.76 33.70
N SER D 60 -5.01 -6.45 34.47
CA SER D 60 -6.10 -5.63 33.97
C SER D 60 -6.45 -4.45 34.87
N THR D 61 -5.87 -4.36 36.05
CA THR D 61 -6.06 -3.20 36.91
C THR D 61 -4.88 -2.25 36.72
N ASP D 62 -5.10 -0.99 37.10
CA ASP D 62 -4.02 -0.03 37.06
C ASP D 62 -2.85 -0.47 37.94
N GLU D 63 -3.17 -0.99 39.13
CA GLU D 63 -2.12 -1.43 40.05
C GLU D 63 -1.34 -2.61 39.46
N GLY D 64 -2.06 -3.56 38.86
CA GLY D 64 -1.38 -4.71 38.27
C GLY D 64 -0.52 -4.32 37.07
N LYS D 65 -1.05 -3.45 36.20
CA LYS D 65 -0.26 -2.98 35.07
C LYS D 65 0.96 -2.19 35.53
N ALA D 66 0.84 -1.44 36.63
CA ALA D 66 1.97 -0.70 37.15
C ALA D 66 3.10 -1.63 37.58
N ARG D 67 2.77 -2.80 38.14
CA ARG D 67 3.80 -3.75 38.51
C ARG D 67 4.58 -4.21 37.29
N VAL D 68 3.86 -4.50 36.20
CA VAL D 68 4.54 -4.90 34.96
C VAL D 68 5.37 -3.73 34.42
N ALA D 69 4.82 -2.51 34.50
CA ALA D 69 5.47 -1.33 33.94
C ALA D 69 6.76 -0.97 34.65
N LYS D 70 7.00 -1.52 35.85
CA LYS D 70 8.30 -1.32 36.49
C LYS D 70 9.43 -1.78 35.58
N ALA D 71 9.18 -2.76 34.72
CA ALA D 71 10.21 -3.27 33.82
C ALA D 71 10.43 -2.38 32.61
N ALA D 72 9.50 -1.45 32.34
CA ALA D 72 9.64 -0.49 31.25
C ALA D 72 10.35 0.75 31.76
N SER D 73 11.59 0.55 32.17
CA SER D 73 12.39 1.58 32.79
C SER D 73 13.77 1.62 32.14
N GLY D 74 14.53 2.66 32.48
CA GLY D 74 15.83 2.82 31.85
C GLY D 74 15.69 3.01 30.36
N THR D 75 16.42 2.21 29.59
CA THR D 75 16.33 2.35 28.15
C THR D 75 14.97 1.90 27.61
N TYR D 76 14.15 1.23 28.41
CA TYR D 76 12.87 0.69 27.98
C TYR D 76 11.69 1.57 28.35
N VAL D 77 11.95 2.83 28.73
CA VAL D 77 10.87 3.74 29.11
C VAL D 77 9.86 3.91 27.98
N PHE D 78 10.29 3.71 26.73
CA PHE D 78 9.41 3.92 25.60
C PHE D 78 8.26 2.91 25.54
N ASN D 79 8.29 1.85 26.34
CA ASN D 79 7.20 0.90 26.39
C ASN D 79 6.30 1.06 27.59
N GLU D 80 6.55 2.04 28.47
CA GLU D 80 5.73 2.21 29.66
C GLU D 80 4.28 2.55 29.29
N ARG D 81 4.08 3.45 28.33
CA ARG D 81 2.73 3.88 28.00
C ARG D 81 1.88 2.72 27.50
N LYS D 82 2.44 1.87 26.62
CA LYS D 82 1.69 0.75 26.06
C LYS D 82 1.21 -0.18 27.15
N ILE D 83 2.04 -0.44 28.15
CA ILE D 83 1.70 -1.36 29.21
C ILE D 83 0.60 -0.78 30.09
N LEU D 84 0.68 0.52 30.39
CA LEU D 84 -0.29 1.12 31.30
C LEU D 84 -1.62 1.44 30.61
N ASP D 85 -1.60 1.72 29.30
CA ASP D 85 -2.80 2.21 28.64
C ASP D 85 -3.65 1.11 28.01
N ALA D 86 -3.07 -0.05 27.73
CA ALA D 86 -3.84 -1.16 27.20
C ALA D 86 -4.83 -1.67 28.24
N SER D 87 -5.89 -2.32 27.76
CA SER D 87 -6.90 -2.88 28.66
C SER D 87 -6.33 -4.03 29.48
N HIS D 88 -5.69 -4.99 28.82
CA HIS D 88 -5.18 -6.18 29.46
C HIS D 88 -3.74 -6.39 28.99
N VAL D 89 -2.87 -6.79 29.90
CA VAL D 89 -1.46 -6.99 29.58
C VAL D 89 -1.06 -8.40 30.02
N VAL D 90 -0.54 -9.20 29.09
CA VAL D 90 -0.16 -10.57 29.37
C VAL D 90 1.36 -10.66 29.45
N VAL D 91 1.86 -11.16 30.57
CA VAL D 91 3.27 -11.54 30.71
C VAL D 91 3.36 -13.04 30.45
N PHE D 92 4.06 -13.40 29.37
CA PHE D 92 4.26 -14.81 29.02
C PHE D 92 5.52 -15.31 29.70
N CYS D 93 5.40 -16.43 30.43
CA CYS D 93 6.50 -17.01 31.19
C CYS D 93 6.69 -18.47 30.82
N ALA D 94 7.96 -18.90 30.73
CA ALA D 94 8.31 -20.30 30.57
C ALA D 94 8.77 -20.90 31.89
N LYS D 95 8.50 -22.18 32.08
CA LYS D 95 9.22 -22.93 33.11
C LYS D 95 10.70 -22.90 32.79
N THR D 96 11.52 -22.91 33.84
CA THR D 96 12.97 -22.97 33.68
C THR D 96 13.54 -24.38 33.69
N ALA D 97 12.79 -25.36 34.22
CA ALA D 97 13.24 -26.74 34.22
C ALA D 97 11.99 -27.61 34.13
N MET D 98 12.08 -28.70 33.35
CA MET D 98 10.96 -29.63 33.25
C MET D 98 11.09 -30.68 34.35
N ASP D 99 10.29 -30.51 35.40
CA ASP D 99 10.29 -31.43 36.51
C ASP D 99 9.33 -32.59 36.29
N ASP D 100 9.61 -33.72 36.94
CA ASP D 100 8.75 -34.90 36.86
C ASP D 100 7.30 -34.56 37.17
N ALA D 101 7.08 -33.72 38.18
CA ALA D 101 5.71 -33.44 38.61
C ALA D 101 4.90 -32.77 37.51
N TRP D 102 5.53 -31.91 36.71
CA TRP D 102 4.80 -31.26 35.63
C TRP D 102 4.39 -32.26 34.56
N LEU D 103 5.29 -33.19 34.21
CA LEU D 103 4.92 -34.22 33.25
C LEU D 103 3.74 -35.04 33.77
N GLN D 104 3.77 -35.40 35.05
CA GLN D 104 2.66 -36.15 35.64
C GLN D 104 1.37 -35.33 35.65
N ARG D 105 1.49 -34.03 35.95
CA ARG D 105 0.32 -33.17 35.95
C ARG D 105 -0.34 -33.12 34.58
N VAL D 106 0.46 -33.02 33.52
CA VAL D 106 -0.09 -32.94 32.17
C VAL D 106 -0.85 -34.22 31.81
N VAL D 107 -0.25 -35.37 32.08
CA VAL D 107 -0.89 -36.63 31.68
C VAL D 107 -2.11 -36.93 32.54
N ASP D 108 -2.06 -36.57 33.83
CA ASP D 108 -3.24 -36.74 34.68
C ASP D 108 -4.39 -35.89 34.17
N GLN D 109 -4.09 -34.66 33.71
CA GLN D 109 -5.14 -33.82 33.15
C GLN D 109 -5.71 -34.44 31.87
N GLU D 110 -4.86 -35.03 31.03
CA GLU D 110 -5.35 -35.70 29.84
C GLU D 110 -6.29 -36.84 30.19
N GLU D 111 -5.98 -37.59 31.26
CA GLU D 111 -6.89 -38.62 31.73
C GLU D 111 -8.22 -38.03 32.19
N ALA D 112 -8.15 -36.94 32.97
CA ALA D 112 -9.36 -36.31 33.47
C ALA D 112 -10.25 -35.83 32.33
N ASP D 113 -9.65 -35.42 31.22
CA ASP D 113 -10.40 -34.98 30.04
C ASP D 113 -10.90 -36.12 29.18
N GLY D 114 -10.63 -37.37 29.58
CA GLY D 114 -11.20 -38.50 28.87
C GLY D 114 -10.47 -38.92 27.61
N ARG D 115 -9.17 -38.62 27.50
CA ARG D 115 -8.41 -38.95 26.31
C ARG D 115 -7.89 -40.38 26.28
N PHE D 116 -7.98 -41.13 27.37
CA PHE D 116 -7.39 -42.47 27.43
C PHE D 116 -8.46 -43.52 27.64
N ALA D 117 -8.52 -44.50 26.73
CA ALA D 117 -9.47 -45.59 26.85
C ALA D 117 -9.06 -46.61 27.90
N THR D 118 -7.78 -46.68 28.26
CA THR D 118 -7.25 -47.70 29.15
C THR D 118 -6.11 -47.10 29.96
N PRO D 119 -5.77 -47.71 31.09
CA PRO D 119 -4.52 -47.34 31.77
C PRO D 119 -3.30 -47.51 30.87
N ASP D 120 -3.32 -48.50 29.98
CA ASP D 120 -2.19 -48.72 29.08
C ASP D 120 -1.96 -47.51 28.19
N ALA D 121 -3.05 -46.92 27.67
CA ALA D 121 -2.92 -45.75 26.81
C ALA D 121 -2.34 -44.57 27.59
N LYS D 122 -2.76 -44.39 28.84
CA LYS D 122 -2.19 -43.32 29.65
C LYS D 122 -0.69 -43.54 29.85
N ALA D 123 -0.31 -44.78 30.20
CA ALA D 123 1.09 -45.07 30.47
C ALA D 123 1.94 -44.87 29.22
N ALA D 124 1.42 -45.26 28.06
CA ALA D 124 2.15 -45.08 26.80
C ALA D 124 2.35 -43.60 26.49
N ASN D 125 1.31 -42.78 26.71
CA ASN D 125 1.42 -41.36 26.49
C ASN D 125 2.44 -40.74 27.44
N HIS D 126 2.40 -41.13 28.71
CA HIS D 126 3.37 -40.65 29.69
C HIS D 126 4.79 -41.07 29.32
N LYS D 127 4.96 -42.32 28.91
CA LYS D 127 6.29 -42.80 28.55
C LYS D 127 6.85 -42.03 27.35
N GLY D 128 6.00 -41.79 26.34
CA GLY D 128 6.47 -41.08 25.16
C GLY D 128 6.83 -39.64 25.46
N ARG D 129 5.99 -38.94 26.23
CA ARG D 129 6.32 -37.57 26.62
C ARG D 129 7.59 -37.52 27.44
N THR D 130 7.74 -38.46 28.39
CA THR D 130 8.92 -38.48 29.23
C THR D 130 10.18 -38.74 28.41
N PHE D 131 10.09 -39.61 27.41
CA PHE D 131 11.24 -39.89 26.55
C PHE D 131 11.70 -38.63 25.83
N PHE D 132 10.74 -37.90 25.25
CA PHE D 132 11.10 -36.66 24.56
C PHE D 132 11.60 -35.60 25.53
N ALA D 133 10.95 -35.46 26.68
CA ALA D 133 11.42 -34.52 27.69
C ALA D 133 12.82 -34.87 28.17
N ASP D 134 13.10 -36.17 28.36
CA ASP D 134 14.41 -36.60 28.83
C ASP D 134 15.50 -36.27 27.81
N MET D 135 15.18 -36.39 26.52
CA MET D 135 16.14 -35.97 25.50
CA MET D 135 16.14 -35.97 25.50
C MET D 135 16.59 -34.54 25.73
N HIS D 136 15.65 -33.67 26.13
CA HIS D 136 15.99 -32.27 26.38
C HIS D 136 16.64 -32.08 27.75
N ARG D 137 16.04 -32.63 28.81
CA ARG D 137 16.51 -32.29 30.15
C ARG D 137 17.70 -33.14 30.61
N LYS D 138 17.86 -34.35 30.07
CA LYS D 138 18.96 -35.21 30.47
C LYS D 138 20.09 -35.25 29.44
N GLU D 139 19.76 -35.35 28.16
CA GLU D 139 20.78 -35.51 27.12
C GLU D 139 21.33 -34.17 26.64
N LEU D 140 20.46 -33.34 26.05
CA LEU D 140 20.91 -32.08 25.49
C LEU D 140 21.07 -30.98 26.54
N LYS D 141 20.43 -31.12 27.70
CA LYS D 141 20.46 -30.11 28.74
C LYS D 141 19.97 -28.77 28.20
N ASP D 142 18.92 -28.82 27.39
CA ASP D 142 18.37 -27.62 26.78
C ASP D 142 16.87 -27.50 27.03
N ASP D 143 16.35 -28.13 28.09
CA ASP D 143 14.92 -28.04 28.34
C ASP D 143 14.46 -26.60 28.55
N ASP D 144 15.32 -25.73 29.11
CA ASP D 144 14.94 -24.33 29.24
C ASP D 144 14.67 -23.70 27.88
N GLN D 145 15.54 -23.94 26.90
CA GLN D 145 15.33 -23.38 25.56
C GLN D 145 14.11 -24.01 24.90
N TRP D 146 13.94 -25.32 25.05
CA TRP D 146 12.81 -26.03 24.47
C TRP D 146 11.48 -25.45 24.97
N MET D 147 11.39 -25.21 26.29
CA MET D 147 10.15 -24.68 26.85
C MET D 147 9.93 -23.23 26.45
N ALA D 148 11.00 -22.44 26.40
CA ALA D 148 10.87 -21.04 25.96
C ALA D 148 10.34 -20.96 24.53
N LYS D 149 10.76 -21.89 23.66
CA LYS D 149 10.25 -21.92 22.29
C LYS D 149 8.75 -22.17 22.28
N GLN D 150 8.25 -23.06 23.15
CA GLN D 150 6.81 -23.31 23.17
C GLN D 150 6.05 -22.07 23.62
N VAL D 151 6.63 -21.28 24.53
CA VAL D 151 6.00 -20.02 24.93
C VAL D 151 5.92 -19.07 23.75
N TYR D 152 6.97 -18.99 22.93
CA TYR D 152 6.90 -18.13 21.75
C TYR D 152 5.86 -18.62 20.75
N LEU D 153 5.69 -19.94 20.62
CA LEU D 153 4.62 -20.46 19.79
C LEU D 153 3.26 -19.96 20.30
N ASN D 154 3.08 -20.01 21.63
CA ASN D 154 1.87 -19.48 22.25
C ASN D 154 1.69 -18.01 21.90
N VAL D 155 2.76 -17.21 22.00
CA VAL D 155 2.67 -15.80 21.65
C VAL D 155 2.17 -15.62 20.22
N GLY D 156 2.74 -16.38 19.27
CA GLY D 156 2.31 -16.26 17.89
C GLY D 156 0.86 -16.62 17.69
N ASN D 157 0.42 -17.70 18.33
CA ASN D 157 -1.00 -18.04 18.33
C ASN D 157 -1.84 -16.91 18.90
N PHE D 158 -1.39 -16.35 20.02
CA PHE D 158 -2.15 -15.32 20.73
C PHE D 158 -2.30 -14.05 19.91
N LEU D 159 -1.22 -13.60 19.26
CA LEU D 159 -1.29 -12.34 18.52
C LEU D 159 -2.28 -12.43 17.37
N LEU D 160 -2.30 -13.56 16.66
CA LEU D 160 -3.26 -13.71 15.57
C LEU D 160 -4.67 -13.90 16.13
N GLY D 161 -4.79 -14.62 17.25
CA GLY D 161 -6.11 -14.83 17.83
C GLY D 161 -6.77 -13.54 18.30
N VAL D 162 -6.03 -12.70 19.02
CA VAL D 162 -6.64 -11.46 19.46
C VAL D 162 -6.94 -10.55 18.28
N ALA D 163 -6.08 -10.57 17.26
CA ALA D 163 -6.38 -9.81 16.05
C ALA D 163 -7.69 -10.26 15.42
N ALA D 164 -7.91 -11.58 15.34
CA ALA D 164 -9.15 -12.09 14.78
C ALA D 164 -10.36 -11.73 15.62
N MET D 165 -10.17 -11.46 16.92
CA MET D 165 -11.23 -10.96 17.77
C MET D 165 -11.50 -9.48 17.57
N GLY D 166 -10.70 -8.80 16.76
CA GLY D 166 -10.84 -7.37 16.58
C GLY D 166 -10.10 -6.55 17.60
N LEU D 167 -9.13 -7.13 18.29
CA LEU D 167 -8.36 -6.44 19.33
C LEU D 167 -6.97 -6.11 18.81
N ASP D 168 -6.48 -4.95 19.19
CA ASP D 168 -5.09 -4.57 18.95
C ASP D 168 -4.18 -5.17 20.02
N ALA D 169 -2.93 -5.38 19.65
CA ALA D 169 -1.94 -5.93 20.58
C ALA D 169 -0.57 -5.56 20.04
N VAL D 170 0.44 -5.74 20.89
CA VAL D 170 1.84 -5.58 20.48
C VAL D 170 2.69 -6.53 21.29
N PRO D 171 3.52 -7.35 20.66
CA PRO D 171 4.49 -8.16 21.42
C PRO D 171 5.66 -7.28 21.81
N ILE D 172 6.09 -7.37 23.07
CA ILE D 172 7.14 -6.51 23.60
C ILE D 172 8.26 -7.38 24.17
N GLU D 173 9.45 -7.25 23.59
CA GLU D 173 10.67 -7.74 24.22
C GLU D 173 11.50 -6.61 24.83
N GLY D 174 11.12 -5.37 24.57
CA GLY D 174 11.86 -4.23 25.08
C GLY D 174 11.43 -3.82 26.47
N VAL D 175 11.62 -4.72 27.43
CA VAL D 175 11.54 -4.39 28.85
C VAL D 175 12.67 -5.11 29.55
N ASP D 176 12.88 -4.75 30.82
CA ASP D 176 13.92 -5.37 31.63
C ASP D 176 13.30 -6.60 32.29
N PHE D 177 13.52 -7.77 31.69
CA PHE D 177 12.93 -9.00 32.22
C PHE D 177 13.56 -9.43 33.53
N ALA D 178 14.77 -8.96 33.86
CA ALA D 178 15.30 -9.21 35.19
C ALA D 178 14.45 -8.51 36.25
N ILE D 179 14.07 -7.25 35.99
CA ILE D 179 13.17 -6.53 36.89
C ILE D 179 11.82 -7.24 36.97
N LEU D 180 11.29 -7.64 35.81
CA LEU D 180 9.99 -8.31 35.80
C LEU D 180 10.03 -9.61 36.58
N ASP D 181 11.09 -10.42 36.38
CA ASP D 181 11.23 -11.65 37.15
C ASP D 181 11.30 -11.36 38.65
N GLU D 182 12.06 -10.34 39.04
CA GLU D 182 12.18 -10.01 40.45
C GLU D 182 10.84 -9.56 41.03
N GLU D 183 10.09 -8.75 40.28
CA GLU D 183 8.84 -8.20 40.78
C GLU D 183 7.84 -9.30 41.11
N PHE D 184 7.85 -10.39 40.35
CA PHE D 184 6.90 -11.49 40.53
C PHE D 184 7.54 -12.74 41.12
N ASP D 185 8.79 -12.64 41.59
CA ASP D 185 9.49 -13.76 42.23
C ASP D 185 9.52 -14.99 41.34
N LEU D 186 9.73 -14.78 40.03
CA LEU D 186 9.51 -15.85 39.07
C LEU D 186 10.61 -16.90 39.12
N LYS D 187 11.87 -16.49 39.21
CA LYS D 187 12.95 -17.47 39.10
C LYS D 187 12.88 -18.49 40.23
N ALA D 188 12.63 -18.04 41.46
CA ALA D 188 12.58 -18.97 42.58
C ALA D 188 11.41 -19.94 42.43
N GLN D 189 10.33 -19.51 41.76
CA GLN D 189 9.18 -20.37 41.52
C GLN D 189 9.39 -21.32 40.35
N GLY D 190 10.49 -21.17 39.62
CA GLY D 190 10.75 -22.02 38.47
C GLY D 190 10.23 -21.48 37.16
N TYR D 191 10.14 -20.15 37.00
CA TYR D 191 9.63 -19.53 35.80
C TYR D 191 10.52 -18.35 35.41
N THR D 192 10.41 -17.96 34.14
CA THR D 192 11.07 -16.74 33.69
C THR D 192 10.20 -16.05 32.65
N SER D 193 10.12 -14.73 32.75
CA SER D 193 9.28 -13.97 31.85
C SER D 193 10.03 -13.70 30.54
N LEU D 194 9.29 -13.74 29.42
CA LEU D 194 9.92 -13.68 28.10
C LEU D 194 9.34 -12.61 27.18
N VAL D 195 8.03 -12.41 27.19
CA VAL D 195 7.36 -11.46 26.29
C VAL D 195 6.22 -10.82 27.06
N VAL D 196 5.98 -9.53 26.83
CA VAL D 196 4.84 -8.81 27.36
C VAL D 196 3.94 -8.43 26.19
N VAL D 197 2.65 -8.74 26.27
CA VAL D 197 1.71 -8.43 25.21
C VAL D 197 0.55 -7.60 25.77
N PRO D 198 0.60 -6.28 25.63
CA PRO D 198 -0.59 -5.46 25.89
C PRO D 198 -1.64 -5.69 24.83
N VAL D 199 -2.90 -5.72 25.26
CA VAL D 199 -4.04 -6.00 24.40
C VAL D 199 -5.14 -4.99 24.66
N GLY D 200 -5.76 -4.49 23.59
CA GLY D 200 -6.84 -3.53 23.75
C GLY D 200 -7.26 -2.95 22.42
N HIS D 201 -7.34 -1.63 22.34
CA HIS D 201 -7.71 -0.94 21.11
C HIS D 201 -6.79 0.26 20.95
N HIS D 202 -6.29 0.45 19.74
CA HIS D 202 -5.32 1.51 19.51
C HIS D 202 -5.96 2.89 19.59
N SER D 203 -5.15 3.86 19.99
CA SER D 203 -5.58 5.26 19.99
CA SER D 203 -5.61 5.24 19.99
C SER D 203 -5.65 5.79 18.56
N ALA D 204 -6.52 6.79 18.36
CA ALA D 204 -6.64 7.41 17.04
C ALA D 204 -5.31 8.03 16.60
N GLU D 205 -4.48 8.41 17.55
CA GLU D 205 -3.20 9.03 17.20
CA GLU D 205 -3.19 9.04 17.26
C GLU D 205 -2.08 8.03 16.95
N ASP D 206 -2.38 6.72 16.97
CA ASP D 206 -1.38 5.71 16.63
C ASP D 206 -1.39 5.56 15.12
N PHE D 207 -0.55 6.35 14.45
CA PHE D 207 -0.52 6.29 13.00
C PHE D 207 0.16 5.02 12.48
N ASN D 208 0.80 4.24 13.35
CA ASN D 208 1.34 2.97 12.89
C ASN D 208 0.24 2.04 12.42
N ALA D 209 -1.00 2.26 12.84
CA ALA D 209 -2.12 1.46 12.36
C ALA D 209 -2.32 1.61 10.86
N THR D 210 -1.85 2.72 10.28
CA THR D 210 -2.06 3.02 8.87
C THR D 210 -0.83 2.84 8.02
N LEU D 211 0.35 2.72 8.61
CA LEU D 211 1.56 2.63 7.81
C LEU D 211 1.58 1.30 7.06
N PRO D 212 2.12 1.29 5.85
CA PRO D 212 2.15 0.05 5.06
C PRO D 212 2.94 -1.05 5.76
N LYS D 213 2.39 -2.25 5.75
CA LYS D 213 3.08 -3.40 6.37
C LYS D 213 4.23 -3.83 5.47
N SER D 214 5.39 -4.06 6.07
CA SER D 214 6.60 -4.35 5.30
C SER D 214 7.14 -5.72 5.64
N ARG D 215 7.36 -6.56 4.62
CA ARG D 215 8.02 -7.83 4.79
C ARG D 215 8.93 -8.08 3.60
N LEU D 216 9.97 -8.89 3.83
CA LEU D 216 10.85 -9.32 2.76
C LEU D 216 10.03 -10.11 1.73
N PRO D 217 10.42 -10.06 0.47
CA PRO D 217 9.68 -10.82 -0.56
C PRO D 217 9.85 -12.32 -0.36
N GLN D 218 8.85 -13.06 -0.80
CA GLN D 218 8.92 -14.52 -0.73
C GLN D 218 10.07 -15.08 -1.54
N SER D 219 10.52 -14.35 -2.57
CA SER D 219 11.68 -14.82 -3.33
C SER D 219 12.91 -14.94 -2.44
N THR D 220 12.96 -14.16 -1.36
CA THR D 220 14.08 -14.26 -0.42
C THR D 220 13.85 -15.35 0.61
N THR D 221 12.64 -15.46 1.16
CA THR D 221 12.42 -16.25 2.36
C THR D 221 11.85 -17.64 2.11
N ILE D 222 11.32 -17.93 0.93
CA ILE D 222 10.65 -19.20 0.68
C ILE D 222 11.31 -19.94 -0.47
N THR D 223 11.63 -21.21 -0.24
CA THR D 223 12.04 -22.12 -1.29
C THR D 223 10.95 -23.17 -1.46
N GLU D 224 10.45 -23.31 -2.69
CA GLU D 224 9.40 -24.28 -2.99
C GLU D 224 10.01 -25.51 -3.64
N ILE D 225 9.70 -26.69 -3.10
CA ILE D 225 10.20 -27.95 -3.66
C ILE D 225 9.06 -28.96 -3.80
N1 FMN E . 3.53 19.92 -5.01
C2 FMN E . 4.46 20.73 -4.49
O2 FMN E . 5.40 20.27 -3.84
N3 FMN E . 4.40 22.09 -4.64
C4 FMN E . 3.38 22.70 -5.34
O4 FMN E . 3.36 23.93 -5.46
C4A FMN E . 2.40 21.87 -5.92
N5 FMN E . 1.41 22.42 -6.61
C5A FMN E . 0.72 21.57 -7.44
C6 FMN E . -0.07 22.12 -8.46
C7 FMN E . -0.77 21.30 -9.33
C7M FMN E . -1.61 21.90 -10.44
C8 FMN E . -0.70 19.91 -9.18
C8M FMN E . -1.45 19.00 -10.13
C9 FMN E . 0.05 19.36 -8.17
C9A FMN E . 0.78 20.17 -7.29
N10 FMN E . 1.58 19.66 -6.27
C10 FMN E . 2.55 20.46 -5.71
C1' FMN E . 1.67 18.20 -6.12
C2' FMN E . 0.46 17.60 -5.44
O2' FMN E . 0.52 17.73 -4.02
C3' FMN E . 0.32 16.14 -5.86
O3' FMN E . 0.06 16.09 -7.27
C4' FMN E . -0.78 15.36 -5.13
O4' FMN E . -0.48 15.31 -3.74
C5' FMN E . -0.96 13.96 -5.67
O5' FMN E . 0.19 13.15 -5.35
P FMN E . 1.20 12.68 -6.51
O1P FMN E . 2.47 12.33 -5.77
O2P FMN E . 1.39 13.83 -7.47
O3P FMN E . 0.58 11.47 -7.19
P PO4 F . 1.22 12.63 -6.51
O1 PO4 F . 1.50 13.78 -7.44
O2 PO4 F . 2.47 12.29 -5.73
O3 PO4 F . 0.78 11.42 -7.31
O4 PO4 F . 0.13 13.02 -5.54
C1 GOL G . 4.51 6.53 -5.24
O1 GOL G . 3.87 6.94 -6.39
C2 GOL G . 4.89 5.05 -5.40
O2 GOL G . 3.87 4.29 -5.96
C3 GOL G . 5.24 4.58 -3.99
O3 GOL G . 5.74 3.29 -4.12
C1 GOL H . 8.88 8.27 -12.33
O1 GOL H . 7.64 8.62 -12.88
C2 GOL H . 9.84 8.15 -13.53
O2 GOL H . 9.42 7.19 -14.44
C3 GOL H . 11.22 7.82 -12.93
O3 GOL H . 11.07 6.64 -12.21
N1 FMN I . -13.17 17.38 -31.21
C2 FMN I . -14.45 17.12 -31.56
O2 FMN I . -14.70 16.40 -32.52
N3 FMN I . -15.51 17.64 -30.86
C4 FMN I . -15.33 18.47 -29.79
O4 FMN I . -16.31 18.91 -29.20
C4A FMN I . -14.00 18.77 -29.39
N5 FMN I . -13.79 19.54 -28.35
C5A FMN I . -12.55 19.45 -27.78
C6 FMN I . -12.36 19.89 -26.45
C7 FMN I . -11.14 19.79 -25.82
C7M FMN I . -10.96 20.26 -24.41
C8 FMN I . -10.04 19.26 -26.53
C8M FMN I . -8.71 19.14 -25.86
C9 FMN I . -10.21 18.83 -27.83
C9A FMN I . -11.45 18.92 -28.47
N10 FMN I . -11.66 18.47 -29.78
C10 FMN I . -12.96 18.17 -30.17
C1' FMN I . -10.54 17.86 -30.51
C2' FMN I . -9.55 18.89 -31.03
O2' FMN I . -10.00 19.44 -32.27
C3' FMN I . -8.17 18.25 -31.20
O3' FMN I . -7.69 17.86 -29.92
C4' FMN I . -7.13 19.12 -31.88
O4' FMN I . -7.51 19.31 -33.25
C5' FMN I . -5.73 18.54 -31.83
O5' FMN I . -5.57 17.46 -32.78
P FMN I . -5.47 15.94 -32.25
O1P FMN I . -6.33 15.88 -30.99
O2P FMN I . -6.02 15.10 -33.39
O3P FMN I . -4.01 15.66 -31.95
P PO4 J . -5.42 15.96 -32.30
O1 PO4 J . -5.27 17.39 -32.78
O2 PO4 J . -4.07 15.42 -31.88
O3 PO4 J . -5.96 15.11 -33.43
O4 PO4 J . -6.36 15.92 -31.12
C1 GOL K . -1.44 10.49 -38.67
O1 GOL K . -0.32 9.89 -39.23
C2 GOL K . -1.31 10.38 -37.14
O2 GOL K . -0.02 10.69 -36.70
C3 GOL K . -2.39 11.34 -36.58
O3 GOL K . -2.24 11.37 -35.20
C1 GOL L . -5.11 3.32 -30.93
O1 GOL L . -4.41 3.52 -32.12
C2 GOL L . -4.55 4.32 -29.89
O2 GOL L . -3.35 3.90 -29.35
C3 GOL L . -4.38 5.65 -30.65
O3 GOL L . -3.92 6.54 -29.71
C1 GOL M . -15.89 20.83 -30.81
O1 GOL M . -17.18 20.31 -30.90
C2 GOL M . -15.57 20.99 -29.30
O2 GOL M . -15.60 19.77 -28.64
C3 GOL M . -14.18 21.65 -29.26
O3 GOL M . -13.81 21.70 -27.90
N1 FMN N . 2.87 -34.20 17.54
C2 FMN N . 3.36 -35.25 16.82
O2 FMN N . 2.62 -36.14 16.42
N3 FMN N . 4.68 -35.34 16.51
C4 FMN N . 5.59 -34.39 16.89
O4 FMN N . 6.78 -34.52 16.58
C4A FMN N . 5.13 -33.30 17.65
N5 FMN N . 5.97 -32.36 18.02
C5A FMN N . 5.42 -31.16 18.36
C6 FMN N . 6.22 -30.01 18.35
C7 FMN N . 5.70 -28.78 18.66
C7M FMN N . 6.57 -27.55 18.64
C8 FMN N . 4.34 -28.66 18.99
C8M FMN N . 3.76 -27.31 19.32
C9 FMN N . 3.53 -29.77 19.00
C9A FMN N . 4.05 -31.04 18.69
N10 FMN N . 3.26 -32.19 18.67
C10 FMN N . 3.72 -33.27 17.94
C1' FMN N . 1.81 -32.04 18.86
C2' FMN N . 1.42 -31.96 20.32
O2' FMN N . 1.33 -33.27 20.88
C3' FMN N . 0.11 -31.19 20.47
O3' FMN N . 0.26 -29.85 20.02
C4' FMN N . -0.48 -31.19 21.89
O4' FMN N . -0.89 -32.52 22.21
C5' FMN N . -1.66 -30.26 22.04
O5' FMN N . -2.86 -30.88 21.51
P FMN N . -3.55 -30.26 20.19
O1P FMN N . -4.30 -31.42 19.56
O2P FMN N . -2.42 -29.76 19.31
O3P FMN N . -4.48 -29.15 20.64
P PO4 O . -3.59 -30.26 20.32
O1 PO4 O . -2.32 -29.89 19.58
O2 PO4 O . -4.21 -31.47 19.65
O3 PO4 O . -4.57 -29.10 20.27
O4 PO4 O . -3.27 -30.58 21.77
C1 GOL P . -12.75 -32.59 19.05
O1 GOL P . -12.96 -32.68 20.42
C2 GOL P . -11.96 -31.28 18.80
O2 GOL P . -12.32 -30.27 19.68
C3 GOL P . -10.47 -31.67 18.90
O3 GOL P . -9.73 -30.50 18.84
C1 GOL Q . -10.17 -28.39 9.45
O1 GOL Q . -11.34 -28.66 10.14
C2 GOL Q . -9.40 -27.31 10.24
O2 GOL Q . -10.14 -26.15 10.37
C3 GOL Q . -9.09 -27.95 11.60
O3 GOL Q . -8.52 -26.94 12.36
C1 GOL R . 7.04 -35.75 18.73
O1 GOL R . 7.74 -36.60 17.85
C2 GOL R . 7.60 -34.29 18.58
O2 GOL R . 7.25 -33.72 17.35
C3 GOL R . 7.02 -33.49 19.78
O3 GOL R . 7.48 -32.17 19.66
N1 FMN S . 7.18 -3.44 19.21
C2 FMN S . 7.32 -2.50 20.18
O2 FMN S . 6.78 -1.39 20.08
N3 FMN S . 8.06 -2.73 21.30
C4 FMN S . 8.72 -3.92 21.50
O4 FMN S . 9.38 -4.07 22.52
C4A FMN S . 8.59 -4.93 20.52
N5 FMN S . 9.18 -6.09 20.69
C5A FMN S . 8.72 -7.13 19.91
C6 FMN S . 9.01 -8.46 20.27
C7 FMN S . 8.53 -9.53 19.54
C7M FMN S . 8.85 -10.96 19.92
C8 FMN S . 7.77 -9.28 18.39
C8M FMN S . 7.25 -10.43 17.57
C9 FMN S . 7.48 -7.99 18.01
C9A FMN S . 7.94 -6.89 18.76
N10 FMN S . 7.65 -5.57 18.42
C10 FMN S . 7.77 -4.59 19.38
C1' FMN S . 6.87 -5.30 17.21
C2' FMN S . 7.66 -5.48 15.93
O2' FMN S . 8.43 -4.32 15.64
C3' FMN S . 6.70 -5.81 14.80
O3' FMN S . 6.09 -7.07 15.08
C4' FMN S . 7.32 -5.85 13.40
O4' FMN S . 7.79 -4.54 13.06
C5' FMN S . 6.37 -6.34 12.33
O5' FMN S . 5.33 -5.35 12.06
P FMN S . 3.82 -5.64 12.53
O1P FMN S . 3.17 -6.49 11.47
O2P FMN S . 3.21 -4.26 12.63
O3P FMN S . 3.89 -6.35 13.88
P PO4 T . 3.94 -5.69 12.47
O1 PO4 T . 5.33 -5.59 11.89
O2 PO4 T . 3.08 -6.57 11.60
O3 PO4 T . 3.32 -4.30 12.54
O4 PO4 T . 4.02 -6.27 13.87
C1 GOL U . -2.01 -0.64 7.24
O1 GOL U . -2.66 -0.66 6.01
C2 GOL U . -2.29 -1.99 7.91
O2 GOL U . -2.43 -2.99 6.97
C3 GOL U . -1.10 -2.20 8.86
O3 GOL U . -1.12 -3.52 9.27
C1 GOL V . -8.55 -4.36 15.34
O1 GOL V . -8.59 -3.63 14.13
C2 GOL V . -7.79 -5.66 15.16
O2 GOL V . -8.56 -6.57 14.38
C3 GOL V . -6.43 -5.47 14.54
O3 GOL V . -5.81 -6.71 14.29
#